data_2ONH
#
_entry.id   2ONH
#
_cell.length_a   198.660
_cell.length_b   198.660
_cell.length_c   122.670
_cell.angle_alpha   90.00
_cell.angle_beta   90.00
_cell.angle_gamma   90.00
#
_symmetry.space_group_name_H-M   'I 4'
#
loop_
_entity.id
_entity.type
_entity.pdbx_description
1 polymer '4S-limonene synthase'
2 non-polymer 'MANGANESE (II) ION'
3 non-polymer '(3S)-2-fluoro-3,7-dimethylocta-1,6-dien-3-yl trihydrogen diphosphate'
4 non-polymer 2-[BIS-(2-HYDROXY-ETHYL)-AMINO]-2-HYDROXYMETHYL-PROPANE-1,3-DIOL
5 water water
#
_entity_poly.entity_id   1
_entity_poly.type   'polypeptide(L)'
_entity_poly.pdbx_seq_one_letter_code
;MRRSGNYNPSRWDVNFIQSLLSDYKEDKHVIRASELVTLVKMELEKETDQIRQLELIDDLQRMGLSDHFQNEFKEILSSI
YLDHHYYKNPFPKEERDLYSTSLAFRLLREHGFQVAQEVFDSFKNEEGEFKESLSDDTRGLLQLYEASFLLTEGETTLES
AREFATKFLEEKVNEGGVDGDLLTRIAYSLDIPLHWRIKRPNAPVWIEWYRKRPDMNPVVLELAILDLNIVQAQFQEELK
ESFRWWRNTGFVEKLPFARDRLVECYFWNTGIIEPRQHASARIMMGKVNALITVIDDIYDVYGTLEELEQFTDLIRRWDI
NSIDQLPDYMQLCFLALNNFVDDTSYDVMKEKGVNVIPYLRQSWVDLADKYMVEARWFYGGHKPSLEEYLENSWQSISGP
CMLTHIFFRVTDSFTKETVDSLYKYHDLVRWSSFVLRLADDLGTSVEEVSRGDVPKSLQCYMSDYNASEAEARKHVKWLI
AEVWKKMNAERVSKDSPFGKDFIGCAVDLGRMAQLMYHNGDGHGTQHPIIHQQMTRTLFEPFA
;
_entity_poly.pdbx_strand_id   A,B
#
# COMPACT_ATOMS: atom_id res chain seq x y z
N MET A 1 34.01 -8.63 -10.23
CA MET A 1 33.66 -7.50 -11.10
C MET A 1 33.00 -6.39 -10.29
N ARG A 2 32.09 -6.80 -9.38
CA ARG A 2 31.38 -5.86 -8.52
C ARG A 2 32.24 -5.47 -7.33
N ARG A 3 31.61 -5.31 -6.15
CA ARG A 3 32.34 -4.93 -4.98
C ARG A 3 31.54 -5.06 -3.69
N SER A 4 30.48 -5.85 -3.70
CA SER A 4 29.63 -6.03 -2.49
C SER A 4 30.43 -6.03 -1.19
N GLY A 5 29.98 -5.24 -0.20
CA GLY A 5 30.60 -5.11 1.11
C GLY A 5 30.10 -6.12 2.13
N ASN A 6 30.04 -7.39 1.71
CA ASN A 6 29.58 -8.53 2.54
C ASN A 6 28.71 -8.20 3.75
N TYR A 7 27.41 -8.48 3.60
CA TYR A 7 26.46 -8.25 4.64
C TYR A 7 25.83 -9.56 5.06
N ASN A 8 24.90 -9.48 5.99
CA ASN A 8 24.23 -10.67 6.46
C ASN A 8 22.72 -10.50 6.42
N PRO A 9 22.00 -11.64 6.44
CA PRO A 9 20.51 -11.73 6.41
C PRO A 9 19.81 -11.27 7.70
N SER A 10 18.72 -10.48 7.57
CA SER A 10 17.99 -10.00 8.75
C SER A 10 17.73 -11.18 9.67
N ARG A 11 18.21 -11.07 10.91
CA ARG A 11 18.03 -12.14 11.86
C ARG A 11 16.58 -12.61 11.99
N TRP A 12 15.58 -11.70 11.80
CA TRP A 12 14.15 -12.09 11.89
C TRP A 12 13.55 -12.20 10.51
N ASP A 13 12.70 -13.18 10.31
CA ASP A 13 12.06 -13.38 9.02
C ASP A 13 10.55 -13.21 9.11
N VAL A 14 9.95 -13.09 7.95
CA VAL A 14 8.53 -12.89 7.83
C VAL A 14 7.61 -13.70 8.72
N ASN A 15 7.75 -14.99 8.71
CA ASN A 15 6.90 -15.84 9.51
C ASN A 15 6.77 -15.32 10.92
N PHE A 16 7.88 -14.92 11.49
CA PHE A 16 7.88 -14.40 12.81
C PHE A 16 7.30 -13.00 12.75
N ILE A 17 7.92 -12.19 11.94
CA ILE A 17 7.51 -10.87 11.77
C ILE A 17 6.03 -10.89 11.42
N GLN A 18 5.72 -11.37 10.25
CA GLN A 18 4.37 -11.40 9.79
C GLN A 18 3.37 -12.12 10.70
N SER A 19 3.87 -13.00 11.61
CA SER A 19 2.95 -13.71 12.54
C SER A 19 2.58 -12.81 13.72
N LEU A 20 3.62 -12.34 14.46
CA LEU A 20 3.47 -11.46 15.63
C LEU A 20 2.02 -11.11 15.99
N LEU A 21 1.63 -11.39 17.25
CA LEU A 21 0.27 -11.08 17.72
C LEU A 21 0.14 -11.15 19.24
N SER A 22 0.54 -10.05 19.92
CA SER A 22 0.47 -9.99 21.37
C SER A 22 -0.96 -9.73 21.80
N ASP A 23 -1.37 -10.43 22.83
CA ASP A 23 -2.72 -10.29 23.37
C ASP A 23 -2.89 -9.03 24.21
N TYR A 24 -2.19 -7.93 23.82
CA TYR A 24 -2.29 -6.69 24.55
C TYR A 24 -2.98 -5.67 23.68
N LYS A 25 -3.33 -6.12 22.49
CA LYS A 25 -4.01 -5.30 21.52
C LYS A 25 -5.49 -5.16 21.87
N GLU A 26 -5.88 -5.65 23.09
CA GLU A 26 -7.26 -5.57 23.53
C GLU A 26 -7.52 -4.45 24.53
N ASP A 27 -8.72 -3.89 24.43
CA ASP A 27 -9.14 -2.81 25.29
C ASP A 27 -9.16 -3.16 26.76
N LYS A 28 -9.24 -4.44 27.09
CA LYS A 28 -9.26 -4.82 28.46
C LYS A 28 -8.11 -4.06 29.14
N HIS A 29 -6.88 -4.28 28.63
CA HIS A 29 -5.72 -3.62 29.19
C HIS A 29 -5.79 -2.11 29.04
N VAL A 30 -5.86 -1.67 27.82
CA VAL A 30 -5.93 -0.29 27.54
C VAL A 30 -6.69 0.49 28.61
N ILE A 31 -7.88 0.02 28.93
CA ILE A 31 -8.69 0.70 29.92
C ILE A 31 -8.26 0.42 31.35
N ARG A 32 -7.89 -0.82 31.68
CA ARG A 32 -7.46 -1.10 33.04
C ARG A 32 -6.30 -0.14 33.31
N ALA A 33 -5.38 -0.08 32.36
CA ALA A 33 -4.24 0.80 32.46
C ALA A 33 -4.73 2.23 32.44
N SER A 34 -5.76 2.49 31.67
CA SER A 34 -6.30 3.81 31.57
C SER A 34 -7.00 4.27 32.84
N GLU A 35 -7.12 3.36 33.81
CA GLU A 35 -7.76 3.68 35.09
C GLU A 35 -6.72 3.59 36.20
N LEU A 36 -5.81 2.69 36.00
CA LEU A 36 -4.75 2.49 36.91
C LEU A 36 -3.94 3.78 36.94
N VAL A 37 -4.07 4.53 35.85
CA VAL A 37 -3.37 5.77 35.69
C VAL A 37 -3.89 6.80 36.66
N THR A 38 -5.15 7.22 36.43
CA THR A 38 -5.77 8.20 37.25
C THR A 38 -5.35 8.03 38.71
N LEU A 39 -4.97 6.84 39.08
CA LEU A 39 -4.51 6.62 40.41
C LEU A 39 -3.13 7.23 40.50
N VAL A 40 -2.17 6.53 39.88
CA VAL A 40 -0.80 6.97 39.85
C VAL A 40 -0.78 8.46 39.65
N LYS A 41 -1.79 8.95 39.03
CA LYS A 41 -1.89 10.32 38.82
C LYS A 41 -2.18 10.97 40.16
N MET A 42 -3.42 10.87 40.60
CA MET A 42 -3.76 11.49 41.84
C MET A 42 -2.77 11.14 42.94
N GLU A 43 -2.11 10.00 42.84
CA GLU A 43 -1.13 9.67 43.86
C GLU A 43 -0.09 10.78 43.75
N LEU A 44 0.35 10.89 42.55
CA LEU A 44 1.32 11.83 42.12
C LEU A 44 1.03 13.23 42.63
N GLU A 45 -0.02 13.81 42.16
CA GLU A 45 -0.35 15.15 42.54
C GLU A 45 -1.15 15.31 43.83
N LYS A 46 -1.17 14.28 44.64
CA LYS A 46 -1.85 14.38 45.92
C LYS A 46 -0.72 14.39 46.94
N GLU A 47 0.46 13.94 46.46
CA GLU A 47 1.67 13.91 47.26
C GLU A 47 1.95 15.35 47.75
N THR A 48 2.77 15.52 48.84
CA THR A 48 3.07 16.90 49.39
C THR A 48 4.49 17.41 49.28
N ASP A 49 5.46 16.54 49.51
CA ASP A 49 6.85 16.89 49.44
C ASP A 49 7.24 17.08 47.99
N GLN A 50 7.67 18.28 47.67
CA GLN A 50 8.07 18.57 46.34
C GLN A 50 9.07 17.56 45.83
N ILE A 51 10.08 17.23 46.62
CA ILE A 51 11.08 16.25 46.18
C ILE A 51 10.46 14.89 45.95
N ARG A 52 9.54 14.52 46.79
CA ARG A 52 8.87 13.23 46.63
C ARG A 52 8.34 13.21 45.20
N GLN A 53 7.86 14.37 44.76
CA GLN A 53 7.33 14.55 43.44
C GLN A 53 8.42 14.43 42.41
N LEU A 54 9.40 15.34 42.48
CA LEU A 54 10.50 15.32 41.55
C LEU A 54 10.89 13.86 41.38
N GLU A 55 10.95 13.17 42.50
CA GLU A 55 11.33 11.78 42.53
C GLU A 55 10.42 10.86 41.72
N LEU A 56 9.11 11.06 41.78
CA LEU A 56 8.22 10.20 41.02
C LEU A 56 8.29 10.56 39.55
N ILE A 57 8.27 11.87 39.24
CA ILE A 57 8.33 12.34 37.88
C ILE A 57 9.47 11.68 37.14
N ASP A 58 10.66 11.73 37.68
CA ASP A 58 11.78 11.10 37.02
C ASP A 58 11.58 9.62 36.76
N ASP A 59 10.99 8.92 37.72
CA ASP A 59 10.75 7.48 37.58
C ASP A 59 9.70 7.21 36.52
N LEU A 60 8.51 7.78 36.71
CA LEU A 60 7.44 7.62 35.76
C LEU A 60 8.04 7.83 34.39
N GLN A 61 8.90 8.83 34.32
CA GLN A 61 9.57 9.17 33.10
C GLN A 61 10.47 8.05 32.60
N ARG A 62 11.47 7.69 33.38
CA ARG A 62 12.36 6.66 32.97
C ARG A 62 11.65 5.35 32.74
N MET A 63 10.33 5.30 32.97
CA MET A 63 9.55 4.07 32.81
C MET A 63 8.61 4.00 31.58
N GLY A 64 8.60 5.05 30.76
CA GLY A 64 7.81 5.12 29.53
C GLY A 64 6.42 5.59 29.69
N LEU A 65 6.06 5.97 30.88
CA LEU A 65 4.72 6.42 31.14
C LEU A 65 4.61 7.90 30.91
N SER A 66 5.70 8.48 30.53
CA SER A 66 5.80 9.90 30.29
C SER A 66 4.64 10.43 29.47
N ASP A 67 4.08 9.56 28.66
CA ASP A 67 3.01 9.93 27.79
C ASP A 67 1.73 10.36 28.49
N HIS A 68 1.32 9.67 29.57
CA HIS A 68 0.05 9.99 30.26
C HIS A 68 0.09 11.14 31.26
N PHE A 69 1.13 11.23 32.04
CA PHE A 69 1.22 12.26 33.00
C PHE A 69 1.86 13.53 32.47
N GLN A 70 1.43 13.96 31.32
CA GLN A 70 2.00 15.12 30.73
C GLN A 70 1.80 16.40 31.55
N ASN A 71 0.62 16.93 31.52
CA ASN A 71 0.31 18.14 32.22
C ASN A 71 0.67 18.08 33.70
N GLU A 72 0.74 16.89 34.26
CA GLU A 72 1.10 16.78 35.66
C GLU A 72 2.56 17.21 35.74
N PHE A 73 3.41 16.52 35.01
CA PHE A 73 4.80 16.83 35.00
C PHE A 73 5.01 18.34 34.95
N LYS A 74 4.17 19.04 34.20
CA LYS A 74 4.29 20.49 34.05
C LYS A 74 3.99 21.28 35.32
N GLU A 75 2.72 21.32 35.72
CA GLU A 75 2.33 22.05 36.91
C GLU A 75 3.24 21.72 38.07
N ILE A 76 3.46 20.46 38.29
CA ILE A 76 4.31 20.06 39.34
C ILE A 76 5.62 20.82 39.23
N LEU A 77 6.29 20.67 38.08
CA LEU A 77 7.57 21.34 37.85
C LEU A 77 7.38 22.85 37.76
N SER A 78 6.30 23.26 37.15
CA SER A 78 6.00 24.64 36.98
C SER A 78 6.03 25.35 38.31
N SER A 79 5.21 24.88 39.28
CA SER A 79 5.15 25.46 40.60
C SER A 79 6.53 25.37 41.23
N ILE A 80 6.94 24.17 41.62
CA ILE A 80 8.27 23.95 42.20
C ILE A 80 9.29 24.99 41.73
N TYR A 81 9.41 25.11 40.45
CA TYR A 81 10.33 26.02 39.87
C TYR A 81 10.18 27.40 40.44
N LEU A 82 8.96 27.91 40.42
CA LEU A 82 8.73 29.22 40.90
C LEU A 82 8.11 29.31 42.29
N ASP A 83 8.36 28.31 43.11
CA ASP A 83 7.87 28.27 44.51
C ASP A 83 9.12 27.82 45.24
N HIS A 84 10.18 28.14 44.60
CA HIS A 84 11.48 27.85 45.03
C HIS A 84 12.26 28.99 44.39
N HIS A 85 11.52 29.70 43.58
CA HIS A 85 12.04 30.80 42.91
C HIS A 85 13.36 30.42 42.29
N TYR A 86 13.29 29.51 41.34
CA TYR A 86 14.41 29.04 40.65
C TYR A 86 14.75 29.95 39.50
N TYR A 87 13.86 30.89 39.20
CA TYR A 87 14.08 31.79 38.10
C TYR A 87 14.93 32.99 38.43
N LYS A 88 15.94 32.79 39.26
CA LYS A 88 16.83 33.88 39.63
C LYS A 88 18.30 33.49 39.58
N ASN A 89 19.08 34.32 38.85
CA ASN A 89 20.51 34.11 38.72
C ASN A 89 21.12 34.35 40.10
N PRO A 90 20.81 35.52 40.72
CA PRO A 90 21.34 35.79 42.05
C PRO A 90 20.86 34.72 43.02
N PHE A 91 21.79 33.86 43.38
CA PHE A 91 21.51 32.79 44.29
C PHE A 91 21.11 33.34 45.67
N PRO A 92 20.14 32.69 46.34
CA PRO A 92 19.68 33.12 47.67
C PRO A 92 20.50 32.35 48.72
N LYS A 93 21.36 31.43 48.20
CA LYS A 93 22.25 30.58 49.00
C LYS A 93 21.59 29.98 50.24
N GLU A 94 20.40 29.45 50.07
CA GLU A 94 19.69 28.85 51.18
C GLU A 94 20.50 27.65 51.68
N GLU A 95 21.70 27.49 51.07
CA GLU A 95 22.61 26.42 51.39
C GLU A 95 21.80 25.13 51.25
N ARG A 96 21.23 25.01 50.05
CA ARG A 96 20.40 23.89 49.66
C ARG A 96 21.16 22.57 49.74
N ASP A 97 20.60 21.53 49.08
CA ASP A 97 21.21 20.21 49.09
C ASP A 97 21.59 19.70 47.70
N LEU A 98 22.77 19.09 47.66
CA LEU A 98 23.32 18.51 46.47
C LEU A 98 22.29 17.67 45.73
N TYR A 99 21.64 16.75 46.44
CA TYR A 99 20.66 15.87 45.85
C TYR A 99 19.45 16.55 45.24
N SER A 100 18.56 17.08 46.08
CA SER A 100 17.33 17.73 45.61
C SER A 100 17.56 18.90 44.65
N THR A 101 18.70 19.50 44.76
CA THR A 101 19.01 20.58 43.92
C THR A 101 19.45 19.99 42.59
N SER A 102 20.34 19.03 42.60
CA SER A 102 20.79 18.41 41.35
C SER A 102 19.60 17.87 40.56
N LEU A 103 18.61 17.37 41.30
CA LEU A 103 17.41 16.82 40.72
C LEU A 103 16.47 17.88 40.19
N ALA A 104 16.00 18.79 41.06
CA ALA A 104 15.09 19.83 40.62
C ALA A 104 15.69 20.62 39.45
N PHE A 105 17.06 20.73 39.43
CA PHE A 105 17.80 21.42 38.38
C PHE A 105 17.61 20.55 37.14
N ARG A 106 18.10 19.32 37.21
CA ARG A 106 17.97 18.39 36.12
C ARG A 106 16.58 18.44 35.48
N LEU A 107 15.54 17.97 36.18
CA LEU A 107 14.19 17.99 35.61
C LEU A 107 13.73 19.36 35.13
N LEU A 108 13.89 20.39 35.93
CA LEU A 108 13.45 21.71 35.51
C LEU A 108 14.08 22.09 34.17
N ARG A 109 15.39 21.90 34.07
CA ARG A 109 16.11 22.21 32.87
C ARG A 109 15.68 21.35 31.71
N GLU A 110 15.53 20.11 31.98
CA GLU A 110 15.14 19.21 30.99
C GLU A 110 13.76 19.58 30.49
N HIS A 111 13.00 20.32 31.25
CA HIS A 111 11.67 20.66 30.81
C HIS A 111 11.61 22.07 30.31
N GLY A 112 12.76 22.61 30.06
CA GLY A 112 12.94 23.96 29.54
C GLY A 112 12.86 25.11 30.49
N PHE A 113 13.27 24.90 31.72
CA PHE A 113 13.25 25.95 32.73
C PHE A 113 14.63 26.66 32.83
N GLN A 114 14.62 28.00 32.88
CA GLN A 114 15.85 28.77 33.02
C GLN A 114 16.26 28.52 34.48
N VAL A 115 17.43 27.93 34.67
CA VAL A 115 17.92 27.64 36.01
C VAL A 115 19.42 27.93 36.09
N ALA A 116 19.77 29.19 36.38
CA ALA A 116 21.16 29.62 36.49
C ALA A 116 22.12 28.56 37.05
N GLN A 117 23.28 28.40 36.42
CA GLN A 117 24.25 27.42 36.90
C GLN A 117 24.66 27.83 38.29
N GLU A 118 24.52 29.15 38.55
CA GLU A 118 24.87 29.78 39.83
C GLU A 118 24.26 29.02 41.00
N VAL A 119 23.16 28.37 40.72
CA VAL A 119 22.47 27.62 41.72
C VAL A 119 23.42 26.70 42.51
N PHE A 120 24.17 25.89 41.82
CA PHE A 120 25.06 24.97 42.48
C PHE A 120 26.18 25.65 43.23
N ASP A 121 26.10 26.97 43.43
CA ASP A 121 27.17 27.70 44.11
C ASP A 121 27.27 27.46 45.61
N SER A 122 26.16 27.46 46.30
CA SER A 122 26.18 27.23 47.71
C SER A 122 26.83 25.89 48.06
N PHE A 123 27.38 25.14 47.03
CA PHE A 123 28.01 23.82 47.29
C PHE A 123 29.51 23.84 47.08
N LYS A 124 30.10 25.01 46.94
CA LYS A 124 31.54 25.09 46.74
C LYS A 124 32.22 25.92 47.82
N ASN A 125 33.43 25.50 48.18
CA ASN A 125 34.17 26.14 49.20
C ASN A 125 34.52 27.58 48.87
N GLU A 126 35.70 27.97 49.31
CA GLU A 126 36.21 29.31 49.13
C GLU A 126 36.99 29.44 47.82
N GLU A 127 38.00 28.57 47.63
CA GLU A 127 38.81 28.59 46.40
C GLU A 127 37.87 28.60 45.18
N GLY A 128 36.57 28.32 45.45
CA GLY A 128 35.51 28.28 44.45
C GLY A 128 35.34 26.83 44.06
N GLU A 129 36.18 25.98 44.60
CA GLU A 129 36.11 24.56 44.31
C GLU A 129 34.90 23.97 44.99
N PHE A 130 34.45 22.82 44.48
CA PHE A 130 33.30 22.16 45.06
C PHE A 130 33.65 21.73 46.48
N LYS A 131 32.72 21.94 47.39
CA LYS A 131 32.95 21.61 48.77
C LYS A 131 33.58 20.25 48.98
N GLU A 132 34.50 20.22 49.94
CA GLU A 132 35.26 19.02 50.33
C GLU A 132 34.33 17.93 50.89
N SER A 133 33.38 18.39 51.71
CA SER A 133 32.41 17.55 52.34
C SER A 133 31.56 16.76 51.35
N LEU A 134 31.00 17.44 50.33
CA LEU A 134 30.18 16.79 49.35
C LEU A 134 30.66 15.37 49.19
N SER A 135 31.98 15.23 49.16
CA SER A 135 32.63 13.95 49.03
C SER A 135 31.77 12.85 49.66
N ASP A 136 31.29 13.14 50.87
CA ASP A 136 30.45 12.21 51.63
C ASP A 136 28.97 12.52 51.33
N ASP A 137 28.37 11.78 50.33
CA ASP A 137 26.96 11.97 49.91
C ASP A 137 26.69 11.26 48.59
N THR A 138 27.27 10.07 48.41
CA THR A 138 27.12 9.30 47.20
C THR A 138 25.79 9.55 46.47
N ARG A 139 24.67 9.50 47.18
CA ARG A 139 23.35 9.71 46.56
C ARG A 139 23.27 11.02 45.78
N GLY A 140 23.16 12.10 46.50
CA GLY A 140 23.10 13.44 45.93
C GLY A 140 24.28 13.64 44.94
N LEU A 141 25.41 12.99 45.19
CA LEU A 141 26.57 13.13 44.30
C LEU A 141 26.22 12.57 42.91
N LEU A 142 25.63 11.38 42.91
CA LEU A 142 25.22 10.77 41.67
C LEU A 142 24.15 11.63 41.05
N GLN A 143 23.36 12.32 41.86
CA GLN A 143 22.32 13.19 41.34
C GLN A 143 22.90 14.42 40.61
N LEU A 144 24.08 14.94 41.11
CA LEU A 144 24.77 16.14 40.51
C LEU A 144 25.45 15.77 39.19
N TYR A 145 26.15 14.64 39.20
CA TYR A 145 26.82 14.20 38.00
C TYR A 145 25.81 14.13 36.86
N GLU A 146 24.67 13.55 37.17
CA GLU A 146 23.63 13.39 36.21
C GLU A 146 23.11 14.73 35.71
N ALA A 147 23.10 15.73 36.58
CA ALA A 147 22.60 17.05 36.20
C ALA A 147 23.67 17.92 35.55
N SER A 148 24.89 17.52 35.65
CA SER A 148 25.91 18.27 35.06
C SER A 148 25.87 18.06 33.56
N PHE A 149 24.79 17.42 33.06
CA PHE A 149 24.65 17.15 31.61
C PHE A 149 23.57 17.97 30.96
N LEU A 150 22.98 18.93 31.67
CA LEU A 150 21.96 19.78 31.08
C LEU A 150 22.60 21.15 30.85
N LEU A 151 23.92 21.13 30.60
CA LEU A 151 24.74 22.35 30.39
C LEU A 151 24.89 22.86 28.94
N THR A 152 25.66 23.95 28.79
CA THR A 152 25.94 24.59 27.50
C THR A 152 27.37 25.13 27.58
N GLU A 153 27.98 25.56 26.48
CA GLU A 153 29.31 26.08 26.62
C GLU A 153 29.09 27.39 27.36
N GLY A 154 29.97 27.65 28.31
CA GLY A 154 29.95 28.84 29.12
C GLY A 154 29.20 28.45 30.31
N GLU A 155 29.44 27.23 30.81
CA GLU A 155 28.78 26.75 32.02
C GLU A 155 29.79 25.93 32.81
N THR A 156 30.83 26.59 33.15
CA THR A 156 31.88 25.97 33.85
C THR A 156 31.47 25.32 35.17
N THR A 157 30.61 25.95 35.93
CA THR A 157 30.19 25.37 37.17
C THR A 157 29.67 23.95 36.94
N LEU A 158 28.73 23.77 35.97
CA LEU A 158 28.17 22.44 35.68
C LEU A 158 29.27 21.50 35.20
N GLU A 159 30.11 22.05 34.33
CA GLU A 159 31.20 21.29 33.78
C GLU A 159 31.96 20.57 34.88
N SER A 160 32.64 21.34 35.75
CA SER A 160 33.43 20.79 36.87
C SER A 160 32.63 19.96 37.89
N ALA A 161 31.38 20.39 38.17
CA ALA A 161 30.52 19.67 39.09
C ALA A 161 30.51 18.23 38.61
N ARG A 162 30.36 18.07 37.29
CA ARG A 162 30.36 16.75 36.70
C ARG A 162 31.61 16.00 37.15
N GLU A 163 32.71 16.53 36.71
CA GLU A 163 34.03 15.97 37.01
C GLU A 163 34.34 15.65 38.49
N PHE A 164 33.84 16.49 39.38
CA PHE A 164 34.02 16.30 40.83
C PHE A 164 33.36 14.99 41.16
N ALA A 165 32.06 15.08 41.03
CA ALA A 165 31.20 14.03 41.27
C ALA A 165 31.54 12.83 40.41
N THR A 166 32.58 12.89 39.64
CA THR A 166 32.90 11.78 38.83
C THR A 166 34.03 10.97 39.41
N LYS A 167 35.11 11.63 39.80
CA LYS A 167 36.20 10.92 40.38
C LYS A 167 35.58 10.24 41.58
N PHE A 168 34.74 11.01 42.27
CA PHE A 168 34.08 10.47 43.41
C PHE A 168 33.32 9.18 43.10
N LEU A 169 32.19 9.34 42.41
CA LEU A 169 31.35 8.24 42.02
C LEU A 169 32.18 7.01 41.65
N GLU A 170 33.05 7.13 40.63
CA GLU A 170 33.86 5.98 40.17
C GLU A 170 34.70 5.30 41.25
N GLU A 171 35.49 6.05 41.95
CA GLU A 171 36.28 5.42 42.96
C GLU A 171 35.32 4.70 43.92
N LYS A 172 34.25 5.38 44.30
CA LYS A 172 33.27 4.81 45.18
C LYS A 172 32.70 3.52 44.58
N VAL A 173 32.79 3.40 43.29
CA VAL A 173 32.30 2.22 42.66
C VAL A 173 33.28 1.12 42.99
N ASN A 174 34.56 1.43 42.83
CA ASN A 174 35.58 0.45 43.12
C ASN A 174 35.49 0.03 44.59
N GLU A 175 34.94 0.92 45.43
CA GLU A 175 34.80 0.66 46.89
C GLU A 175 33.37 0.21 47.28
N GLY A 176 32.42 1.16 47.30
CA GLY A 176 31.02 0.93 47.64
C GLY A 176 30.25 2.20 48.02
N GLY A 177 30.64 2.82 49.14
CA GLY A 177 30.03 4.02 49.67
C GLY A 177 28.80 3.43 50.36
N VAL A 178 28.00 2.70 49.57
CA VAL A 178 26.79 2.05 50.08
C VAL A 178 26.40 0.88 49.16
N ASP A 179 25.17 0.35 49.36
CA ASP A 179 24.58 -0.78 48.57
C ASP A 179 25.54 -1.75 47.87
N GLY A 180 25.18 -2.06 46.61
CA GLY A 180 25.91 -2.98 45.73
C GLY A 180 24.90 -2.90 44.59
N ASP A 181 23.67 -2.51 44.96
CA ASP A 181 22.58 -2.35 44.03
C ASP A 181 22.57 -0.87 43.66
N LEU A 182 23.57 -0.18 44.15
CA LEU A 182 23.75 1.22 43.88
C LEU A 182 25.04 1.28 43.09
N LEU A 183 25.87 0.30 43.34
CA LEU A 183 27.13 0.22 42.67
C LEU A 183 26.95 -0.12 41.18
N THR A 184 25.69 -0.24 40.76
CA THR A 184 25.39 -0.54 39.37
C THR A 184 24.64 0.65 38.77
N ARG A 185 23.60 1.08 39.46
CA ARG A 185 22.85 2.20 39.02
C ARG A 185 23.83 3.33 38.80
N ILE A 186 24.71 3.48 39.77
CA ILE A 186 25.71 4.49 39.72
C ILE A 186 26.59 4.29 38.51
N ALA A 187 27.05 3.07 38.29
CA ALA A 187 27.90 2.79 37.16
C ALA A 187 27.07 2.83 35.88
N TYR A 188 25.78 2.58 36.04
CA TYR A 188 24.86 2.60 34.94
C TYR A 188 24.92 4.01 34.37
N SER A 189 24.54 5.00 35.19
CA SER A 189 24.57 6.38 34.77
C SER A 189 25.98 6.77 34.37
N LEU A 190 26.95 6.23 35.06
CA LEU A 190 28.32 6.54 34.77
C LEU A 190 28.71 6.07 33.37
N ASP A 191 27.90 5.17 32.72
CA ASP A 191 28.23 4.70 31.31
C ASP A 191 27.59 5.65 30.30
N ILE A 192 26.32 5.94 30.56
CA ILE A 192 25.57 6.83 29.75
C ILE A 192 24.65 7.58 30.70
N PRO A 193 24.88 8.90 30.86
CA PRO A 193 24.05 9.65 31.72
C PRO A 193 22.61 9.57 31.25
N LEU A 194 21.70 9.82 32.15
CA LEU A 194 20.30 9.78 31.87
C LEU A 194 19.91 10.70 30.71
N HIS A 195 20.46 11.89 30.71
CA HIS A 195 20.16 12.85 29.67
C HIS A 195 20.55 12.35 28.28
N TRP A 196 21.50 11.44 28.21
CA TRP A 196 21.94 10.89 26.93
C TRP A 196 21.36 9.49 26.72
N ARG A 197 20.56 9.02 27.71
CA ARG A 197 19.91 7.69 27.67
C ARG A 197 18.47 7.81 27.16
N ILE A 198 18.19 7.06 26.07
CA ILE A 198 16.87 7.06 25.44
C ILE A 198 15.94 6.20 26.27
N LYS A 199 14.85 6.77 26.62
CA LYS A 199 13.90 6.13 27.44
C LYS A 199 13.36 4.77 26.99
N ARG A 200 12.54 4.76 25.94
CA ARG A 200 11.92 3.54 25.49
C ARG A 200 12.76 2.27 25.50
N PRO A 201 13.81 2.19 24.67
CA PRO A 201 14.54 0.95 24.75
C PRO A 201 15.16 0.63 26.12
N ASN A 202 15.00 1.52 27.11
CA ASN A 202 15.60 1.29 28.45
C ASN A 202 14.64 1.10 29.63
N ALA A 203 13.36 1.46 29.47
CA ALA A 203 12.41 1.32 30.57
C ALA A 203 12.47 -0.04 31.27
N PRO A 204 12.16 -1.15 30.58
CA PRO A 204 12.21 -2.46 31.18
C PRO A 204 13.13 -2.50 32.39
N VAL A 205 14.41 -2.57 32.16
CA VAL A 205 15.36 -2.63 33.23
C VAL A 205 15.02 -1.66 34.35
N TRP A 206 14.69 -0.44 34.00
CA TRP A 206 14.33 0.52 34.99
C TRP A 206 13.10 0.05 35.75
N ILE A 207 12.13 -0.54 35.02
CA ILE A 207 10.93 -1.03 35.67
C ILE A 207 11.30 -2.16 36.63
N GLU A 208 12.39 -2.87 36.33
CA GLU A 208 12.84 -3.92 37.19
C GLU A 208 13.24 -3.23 38.47
N TRP A 209 14.39 -2.57 38.38
CA TRP A 209 14.93 -1.86 39.49
C TRP A 209 13.84 -1.23 40.37
N TYR A 210 12.82 -0.64 39.75
CA TYR A 210 11.74 -0.02 40.53
C TYR A 210 10.84 -1.05 41.21
N ARG A 211 10.45 -2.11 40.48
CA ARG A 211 9.60 -3.12 41.07
C ARG A 211 10.28 -3.53 42.36
N LYS A 212 11.59 -3.72 42.26
CA LYS A 212 12.39 -4.12 43.42
C LYS A 212 12.28 -3.09 44.53
N ARG A 213 12.72 -1.84 44.25
CA ARG A 213 12.68 -0.73 45.23
C ARG A 213 11.71 -0.97 46.38
N PRO A 214 12.17 -0.84 47.63
CA PRO A 214 11.32 -1.03 48.78
C PRO A 214 10.23 0.03 48.85
N ASP A 215 10.63 1.27 48.70
CA ASP A 215 9.71 2.35 48.75
C ASP A 215 8.77 2.27 47.56
N MET A 216 9.07 1.33 46.65
CA MET A 216 8.28 1.15 45.47
C MET A 216 6.78 1.10 45.74
N ASN A 217 6.04 1.54 44.77
CA ASN A 217 4.63 1.54 44.86
C ASN A 217 4.14 0.56 43.80
N PRO A 218 2.99 -0.10 44.03
CA PRO A 218 2.44 -1.08 43.06
C PRO A 218 1.59 -0.50 41.92
N VAL A 219 0.66 0.44 42.22
CA VAL A 219 -0.17 1.01 41.18
C VAL A 219 0.72 1.37 40.03
N VAL A 220 1.71 2.14 40.35
CA VAL A 220 2.64 2.59 39.42
C VAL A 220 3.32 1.43 38.76
N LEU A 221 4.03 0.63 39.51
CA LEU A 221 4.71 -0.47 38.93
C LEU A 221 3.80 -1.29 38.05
N GLU A 222 2.54 -1.39 38.43
CA GLU A 222 1.62 -2.15 37.64
C GLU A 222 1.29 -1.40 36.37
N LEU A 223 1.13 -0.09 36.52
CA LEU A 223 0.86 0.75 35.40
C LEU A 223 2.06 0.63 34.48
N ALA A 224 3.22 0.71 35.09
CA ALA A 224 4.45 0.60 34.39
C ALA A 224 4.48 -0.64 33.50
N ILE A 225 4.36 -1.82 34.10
CA ILE A 225 4.42 -3.06 33.34
C ILE A 225 3.32 -3.21 32.30
N LEU A 226 2.10 -2.81 32.63
CA LEU A 226 0.97 -2.93 31.70
C LEU A 226 1.21 -2.12 30.41
N ASP A 227 1.38 -0.82 30.60
CA ASP A 227 1.63 0.10 29.50
C ASP A 227 2.80 -0.35 28.63
N LEU A 228 3.89 -0.79 29.25
CA LEU A 228 5.09 -1.26 28.52
C LEU A 228 4.69 -2.33 27.54
N ASN A 229 3.71 -3.14 27.95
CA ASN A 229 3.22 -4.21 27.17
C ASN A 229 2.14 -3.75 26.23
N ILE A 230 1.41 -2.72 26.60
CA ILE A 230 0.38 -2.18 25.77
C ILE A 230 1.01 -1.49 24.57
N VAL A 231 2.24 -0.95 24.71
CA VAL A 231 2.90 -0.25 23.57
C VAL A 231 3.68 -1.21 22.70
N GLN A 232 4.19 -2.31 23.29
CA GLN A 232 4.93 -3.28 22.53
C GLN A 232 4.05 -3.74 21.39
N ALA A 233 2.78 -3.96 21.72
CA ALA A 233 1.79 -4.38 20.77
C ALA A 233 1.81 -3.41 19.62
N GLN A 234 1.68 -2.13 19.93
CA GLN A 234 1.69 -1.11 18.93
C GLN A 234 2.88 -1.31 17.99
N PHE A 235 4.07 -1.38 18.56
CA PHE A 235 5.26 -1.55 17.76
C PHE A 235 5.11 -2.74 16.84
N GLN A 236 4.53 -3.79 17.37
CA GLN A 236 4.33 -4.98 16.61
C GLN A 236 3.38 -4.70 15.46
N GLU A 237 2.40 -3.88 15.65
CA GLU A 237 1.47 -3.55 14.60
C GLU A 237 2.22 -2.80 13.52
N GLU A 238 2.79 -1.69 13.92
CA GLU A 238 3.54 -0.87 13.02
C GLU A 238 4.57 -1.70 12.27
N LEU A 239 5.37 -2.42 13.03
CA LEU A 239 6.41 -3.25 12.47
C LEU A 239 5.95 -4.03 11.25
N LYS A 240 4.80 -4.64 11.34
CA LYS A 240 4.27 -5.43 10.25
C LYS A 240 3.99 -4.62 8.99
N GLU A 241 3.26 -3.50 9.15
CA GLU A 241 2.92 -2.62 8.02
C GLU A 241 4.18 -2.16 7.28
N SER A 242 5.19 -1.81 8.07
CA SER A 242 6.46 -1.40 7.55
C SER A 242 7.08 -2.62 6.85
N PHE A 243 6.80 -3.83 7.40
CA PHE A 243 7.32 -5.05 6.85
C PHE A 243 6.69 -5.27 5.52
N ARG A 244 5.36 -5.19 5.50
CA ARG A 244 4.62 -5.36 4.29
C ARG A 244 5.26 -4.50 3.21
N TRP A 245 5.45 -3.20 3.48
CA TRP A 245 6.09 -2.34 2.48
C TRP A 245 7.42 -2.91 1.99
N TRP A 246 8.32 -3.27 2.96
CA TRP A 246 9.66 -3.80 2.63
C TRP A 246 9.60 -4.99 1.69
N ARG A 247 8.73 -5.93 2.01
CA ARG A 247 8.58 -7.10 1.21
C ARG A 247 8.18 -6.73 -0.20
N ASN A 248 7.21 -5.80 -0.32
CA ASN A 248 6.73 -5.35 -1.61
C ASN A 248 7.87 -4.88 -2.52
N THR A 249 8.66 -3.96 -2.03
CA THR A 249 9.76 -3.46 -2.80
C THR A 249 10.50 -4.59 -3.49
N GLY A 250 10.74 -5.65 -2.77
CA GLY A 250 11.45 -6.83 -3.25
C GLY A 250 12.95 -6.57 -3.42
N PHE A 251 13.48 -5.59 -2.73
CA PHE A 251 14.87 -5.31 -2.84
C PHE A 251 15.60 -6.53 -2.35
N VAL A 252 15.07 -7.04 -1.30
CA VAL A 252 15.60 -8.21 -0.63
C VAL A 252 16.14 -9.25 -1.61
N GLU A 253 15.55 -9.31 -2.79
CA GLU A 253 15.96 -10.27 -3.80
C GLU A 253 16.36 -9.55 -5.09
N LYS A 254 15.79 -8.40 -5.33
CA LYS A 254 16.11 -7.67 -6.52
C LYS A 254 17.23 -6.68 -6.26
N LEU A 255 17.60 -6.51 -4.99
CA LEU A 255 18.68 -5.60 -4.58
C LEU A 255 19.29 -6.17 -3.31
N PRO A 256 20.02 -7.29 -3.44
CA PRO A 256 20.71 -8.07 -2.43
C PRO A 256 22.13 -7.62 -2.02
N PHE A 257 22.70 -6.60 -2.70
CA PHE A 257 24.02 -6.08 -2.32
C PHE A 257 23.76 -5.17 -1.11
N ALA A 258 22.45 -4.79 -0.95
CA ALA A 258 21.97 -3.92 0.11
C ALA A 258 21.54 -4.69 1.37
N ARG A 259 21.87 -4.09 2.52
CA ARG A 259 21.58 -4.65 3.82
C ARG A 259 20.12 -4.96 4.05
N ASP A 260 19.84 -6.19 4.51
CA ASP A 260 18.48 -6.58 4.81
C ASP A 260 18.34 -6.45 6.32
N ARG A 261 17.55 -5.51 6.74
CA ARG A 261 17.35 -5.31 8.10
C ARG A 261 16.26 -4.30 8.25
N LEU A 262 15.04 -4.72 8.13
CA LEU A 262 13.96 -3.82 8.28
C LEU A 262 13.50 -3.72 9.75
N VAL A 263 13.77 -4.74 10.55
CA VAL A 263 13.39 -4.69 11.96
C VAL A 263 14.27 -3.64 12.63
N GLU A 264 15.54 -3.72 12.32
CA GLU A 264 16.51 -2.81 12.85
C GLU A 264 16.09 -1.40 12.45
N CYS A 265 15.70 -1.25 11.19
CA CYS A 265 15.26 0.03 10.68
C CYS A 265 13.99 0.53 11.36
N TYR A 266 13.06 -0.35 11.65
CA TYR A 266 11.88 0.10 12.29
C TYR A 266 12.18 0.43 13.74
N PHE A 267 12.94 -0.47 14.38
CA PHE A 267 13.32 -0.34 15.77
C PHE A 267 13.89 1.02 16.14
N TRP A 268 14.77 1.56 15.29
CA TRP A 268 15.37 2.90 15.52
C TRP A 268 14.29 3.88 15.95
N ASN A 269 13.13 3.82 15.30
CA ASN A 269 12.02 4.71 15.55
C ASN A 269 11.22 4.43 16.80
N THR A 270 11.57 3.39 17.51
CA THR A 270 10.89 3.08 18.72
C THR A 270 11.61 3.91 19.78
N GLY A 271 12.77 4.39 19.40
CA GLY A 271 13.64 5.20 20.22
C GLY A 271 13.49 6.67 19.85
N ILE A 272 13.37 7.01 18.54
CA ILE A 272 13.25 8.45 18.07
C ILE A 272 11.89 9.13 18.26
N ILE A 273 10.79 8.41 17.96
CA ILE A 273 9.42 8.95 18.09
C ILE A 273 8.67 8.40 19.31
N GLU A 274 9.17 8.69 20.52
CA GLU A 274 8.57 8.19 21.76
C GLU A 274 7.07 8.44 21.96
N PRO A 275 6.55 9.61 21.55
CA PRO A 275 5.11 9.86 21.71
C PRO A 275 4.30 8.87 20.88
N ARG A 276 3.75 7.87 21.57
CA ARG A 276 2.99 6.82 20.96
C ARG A 276 1.95 7.26 19.92
N GLN A 277 1.38 8.41 20.08
CA GLN A 277 0.40 8.85 19.14
C GLN A 277 0.92 8.98 17.71
N HIS A 278 2.23 8.90 17.50
CA HIS A 278 2.80 9.04 16.16
C HIS A 278 3.12 7.74 15.49
N ALA A 279 2.13 6.89 15.36
CA ALA A 279 2.34 5.61 14.74
C ALA A 279 2.78 5.74 13.29
N SER A 280 2.08 6.57 12.53
CA SER A 280 2.40 6.74 11.11
C SER A 280 3.85 7.11 10.84
N ALA A 281 4.37 8.08 11.60
CA ALA A 281 5.73 8.51 11.44
C ALA A 281 6.63 7.31 11.65
N ARG A 282 6.36 6.57 12.72
CA ARG A 282 7.14 5.42 13.02
C ARG A 282 7.15 4.45 11.84
N ILE A 283 5.96 4.16 11.31
CA ILE A 283 5.85 3.27 10.17
C ILE A 283 6.67 3.85 9.03
N MET A 284 6.30 5.06 8.63
CA MET A 284 6.98 5.74 7.57
C MET A 284 8.49 5.62 7.72
N MET A 285 8.97 5.88 8.92
CA MET A 285 10.37 5.83 9.13
C MET A 285 10.92 4.45 8.86
N GLY A 286 10.22 3.42 9.26
CA GLY A 286 10.65 2.05 9.05
C GLY A 286 11.06 2.08 7.58
N LYS A 287 10.21 2.66 6.76
CA LYS A 287 10.46 2.74 5.34
C LYS A 287 11.59 3.69 4.99
N VAL A 288 11.50 4.93 5.44
CA VAL A 288 12.53 5.87 5.16
C VAL A 288 13.90 5.28 5.46
N ASN A 289 14.00 4.68 6.59
CA ASN A 289 15.23 4.10 6.96
C ASN A 289 15.65 2.97 6.04
N ALA A 290 14.76 2.02 5.78
CA ALA A 290 15.14 0.93 4.85
C ALA A 290 15.67 1.52 3.53
N LEU A 291 14.90 2.43 2.96
CA LEU A 291 15.25 3.06 1.72
C LEU A 291 16.63 3.66 1.78
N ILE A 292 16.86 4.40 2.80
CA ILE A 292 18.12 5.00 2.94
C ILE A 292 19.18 3.93 2.90
N THR A 293 19.07 2.95 3.77
CA THR A 293 20.03 1.86 3.82
C THR A 293 20.37 1.31 2.44
N VAL A 294 19.37 1.07 1.66
CA VAL A 294 19.61 0.55 0.35
C VAL A 294 20.38 1.56 -0.50
N ILE A 295 19.92 2.83 -0.50
CA ILE A 295 20.58 3.86 -1.28
C ILE A 295 22.04 4.01 -0.87
N ASP A 296 22.29 4.00 0.42
CA ASP A 296 23.66 4.12 0.96
C ASP A 296 24.52 2.97 0.45
N ASP A 297 24.06 1.70 0.54
CA ASP A 297 24.89 0.62 0.04
C ASP A 297 25.13 0.75 -1.45
N ILE A 298 24.10 1.22 -2.22
CA ILE A 298 24.24 1.43 -3.67
C ILE A 298 25.40 2.41 -3.92
N TYR A 299 25.57 3.42 -3.00
CA TYR A 299 26.65 4.44 -3.14
C TYR A 299 28.06 4.04 -2.65
N ASP A 300 28.17 3.52 -1.41
CA ASP A 300 29.47 3.15 -0.90
C ASP A 300 29.84 1.68 -0.99
N VAL A 301 29.02 0.89 -1.67
CA VAL A 301 29.31 -0.53 -1.83
C VAL A 301 29.17 -1.00 -3.28
N TYR A 302 27.94 -1.11 -3.72
CA TYR A 302 27.65 -1.60 -5.05
C TYR A 302 28.05 -0.72 -6.24
N GLY A 303 27.19 0.23 -6.57
CA GLY A 303 27.35 1.18 -7.67
C GLY A 303 28.70 1.72 -8.04
N THR A 304 28.83 2.13 -9.33
CA THR A 304 30.07 2.69 -9.88
C THR A 304 29.98 4.20 -10.07
N LEU A 305 31.14 4.85 -10.19
CA LEU A 305 31.20 6.29 -10.37
C LEU A 305 30.25 6.77 -11.46
N GLU A 306 30.26 6.07 -12.61
CA GLU A 306 29.38 6.41 -13.74
C GLU A 306 27.95 6.30 -13.28
N GLU A 307 27.66 5.12 -12.81
CA GLU A 307 26.40 4.78 -12.32
C GLU A 307 25.92 5.75 -11.25
N LEU A 308 26.79 6.15 -10.34
CA LEU A 308 26.39 7.05 -9.30
C LEU A 308 26.16 8.46 -9.83
N GLU A 309 27.10 8.98 -10.56
CA GLU A 309 26.97 10.29 -11.10
C GLU A 309 25.63 10.44 -11.79
N GLN A 310 25.26 9.44 -12.59
CA GLN A 310 23.97 9.48 -13.30
C GLN A 310 22.78 9.29 -12.37
N PHE A 311 22.93 8.41 -11.38
CA PHE A 311 21.90 8.15 -10.40
C PHE A 311 21.69 9.47 -9.69
N THR A 312 22.78 10.04 -9.25
CA THR A 312 22.75 11.27 -8.55
C THR A 312 22.05 12.40 -9.30
N ASP A 313 22.26 12.45 -10.75
CA ASP A 313 21.62 13.49 -11.55
C ASP A 313 20.11 13.26 -11.71
N LEU A 314 19.74 12.05 -12.07
CA LEU A 314 18.35 11.75 -12.26
C LEU A 314 17.53 12.09 -11.03
N ILE A 315 18.06 11.84 -9.85
CA ILE A 315 17.36 12.14 -8.63
C ILE A 315 17.22 13.63 -8.53
N ARG A 316 18.34 14.32 -8.77
CA ARG A 316 18.44 15.76 -8.70
C ARG A 316 17.35 16.42 -9.50
N ARG A 317 17.19 15.99 -10.72
CA ARG A 317 16.17 16.54 -11.57
C ARG A 317 14.91 15.70 -11.51
N TRP A 318 14.86 14.72 -10.56
CA TRP A 318 13.73 13.82 -10.38
C TRP A 318 13.02 13.48 -11.67
N ASP A 319 13.80 12.92 -12.55
CA ASP A 319 13.37 12.57 -13.85
C ASP A 319 12.90 11.13 -13.94
N ILE A 320 11.66 10.88 -13.63
CA ILE A 320 11.15 9.55 -13.71
C ILE A 320 11.01 9.20 -15.19
N ASN A 321 11.02 10.23 -16.00
CA ASN A 321 10.89 10.04 -17.44
C ASN A 321 12.19 9.68 -18.15
N SER A 322 13.12 9.14 -17.38
CA SER A 322 14.39 8.71 -17.89
C SER A 322 14.78 7.55 -17.03
N ILE A 323 13.87 7.17 -16.16
CA ILE A 323 14.12 6.10 -15.31
C ILE A 323 14.64 4.94 -16.15
N ASP A 324 14.40 5.04 -17.44
CA ASP A 324 14.81 4.03 -18.37
C ASP A 324 16.26 4.18 -18.83
N GLN A 325 17.00 5.12 -18.30
CA GLN A 325 18.37 5.28 -18.70
C GLN A 325 19.36 4.62 -17.75
N LEU A 326 18.95 4.43 -16.50
CA LEU A 326 19.81 3.85 -15.50
C LEU A 326 19.79 2.33 -15.46
N PRO A 327 20.79 1.72 -14.81
CA PRO A 327 20.90 0.30 -14.68
C PRO A 327 19.58 -0.17 -14.10
N ASP A 328 19.06 -1.30 -14.54
CA ASP A 328 17.78 -1.75 -14.04
C ASP A 328 17.71 -1.66 -12.51
N TYR A 329 18.80 -2.01 -11.78
CA TYR A 329 18.74 -1.94 -10.32
C TYR A 329 18.47 -0.54 -9.79
N MET A 330 18.93 0.48 -10.51
CA MET A 330 18.68 1.86 -10.09
C MET A 330 17.26 2.31 -10.47
N GLN A 331 16.65 1.66 -11.43
CA GLN A 331 15.33 2.03 -11.82
C GLN A 331 14.36 1.59 -10.74
N LEU A 332 14.52 0.37 -10.29
CA LEU A 332 13.68 -0.18 -9.25
C LEU A 332 13.76 0.70 -8.00
N CYS A 333 14.97 1.03 -7.59
CA CYS A 333 15.18 1.85 -6.41
C CYS A 333 14.54 3.23 -6.54
N PHE A 334 14.89 3.96 -7.59
CA PHE A 334 14.36 5.27 -7.78
C PHE A 334 12.86 5.28 -7.88
N LEU A 335 12.28 4.32 -8.59
CA LEU A 335 10.85 4.26 -8.70
C LEU A 335 10.29 4.04 -7.29
N ALA A 336 10.93 3.18 -6.54
CA ALA A 336 10.52 2.90 -5.19
C ALA A 336 10.47 4.20 -4.42
N LEU A 337 11.56 4.95 -4.52
CA LEU A 337 11.66 6.22 -3.85
C LEU A 337 10.49 7.08 -4.29
N ASN A 338 10.39 7.30 -5.60
CA ASN A 338 9.33 8.10 -6.13
C ASN A 338 8.00 7.64 -5.57
N ASN A 339 7.81 6.35 -5.51
CA ASN A 339 6.59 5.79 -5.01
C ASN A 339 6.37 6.14 -3.55
N PHE A 340 7.45 6.12 -2.77
CA PHE A 340 7.38 6.43 -1.34
C PHE A 340 7.09 7.90 -1.01
N VAL A 341 7.90 8.80 -1.56
CA VAL A 341 7.67 10.14 -1.27
C VAL A 341 6.28 10.49 -1.74
N ASP A 342 5.90 10.05 -2.98
CA ASP A 342 4.54 10.35 -3.56
C ASP A 342 3.45 9.86 -2.63
N ASP A 343 3.58 8.60 -2.13
CA ASP A 343 2.55 8.04 -1.22
C ASP A 343 2.53 8.82 0.08
N THR A 344 3.72 9.20 0.56
CA THR A 344 3.83 9.93 1.76
C THR A 344 3.26 11.35 1.59
N SER A 345 3.62 12.05 0.51
CA SER A 345 3.07 13.38 0.32
C SER A 345 1.56 13.33 0.24
N TYR A 346 1.01 12.17 -0.17
CA TYR A 346 -0.47 12.01 -0.26
C TYR A 346 -1.18 11.97 1.09
N ASP A 347 -0.66 11.19 2.05
CA ASP A 347 -1.28 11.09 3.38
C ASP A 347 -1.25 12.46 3.99
N VAL A 348 -0.06 13.04 3.97
CA VAL A 348 0.13 14.34 4.50
C VAL A 348 -0.82 15.32 3.82
N MET A 349 -1.01 15.18 2.53
CA MET A 349 -1.93 16.08 1.83
C MET A 349 -3.35 15.70 2.23
N LYS A 350 -3.58 14.43 2.26
CA LYS A 350 -4.84 13.93 2.60
C LYS A 350 -5.26 14.41 3.98
N GLU A 351 -4.38 14.32 4.96
CA GLU A 351 -4.71 14.73 6.29
C GLU A 351 -4.40 16.17 6.69
N LYS A 352 -3.21 16.72 6.33
CA LYS A 352 -2.85 18.11 6.73
C LYS A 352 -3.18 19.19 5.72
N GLY A 353 -3.54 18.81 4.49
CA GLY A 353 -3.90 19.74 3.41
C GLY A 353 -2.83 20.37 2.53
N VAL A 354 -1.58 19.80 2.58
CA VAL A 354 -0.42 20.32 1.82
C VAL A 354 0.31 19.37 0.84
N ASN A 355 0.78 19.99 -0.26
CA ASN A 355 1.53 19.27 -1.25
C ASN A 355 2.98 19.37 -0.83
N VAL A 356 3.44 18.41 -0.11
CA VAL A 356 4.79 18.41 0.36
C VAL A 356 5.72 17.59 -0.55
N ILE A 357 5.25 17.16 -1.75
CA ILE A 357 6.12 16.38 -2.58
C ILE A 357 7.38 17.16 -2.93
N PRO A 358 7.25 18.45 -3.25
CA PRO A 358 8.43 19.23 -3.60
C PRO A 358 9.51 19.28 -2.53
N TYR A 359 9.13 19.07 -1.27
CA TYR A 359 10.08 19.12 -0.15
C TYR A 359 10.73 17.77 0.09
N LEU A 360 9.92 16.77 0.33
CA LEU A 360 10.42 15.48 0.57
C LEU A 360 11.33 15.09 -0.60
N ARG A 361 10.93 15.49 -1.78
CA ARG A 361 11.69 15.23 -2.96
C ARG A 361 13.09 15.80 -2.75
N GLN A 362 13.13 16.98 -2.12
CA GLN A 362 14.41 17.67 -1.84
C GLN A 362 15.24 16.96 -0.80
N SER A 363 14.61 16.44 0.24
CA SER A 363 15.33 15.78 1.26
C SER A 363 16.21 14.70 0.68
N TRP A 364 15.66 13.97 -0.28
CA TRP A 364 16.38 12.88 -0.94
C TRP A 364 17.47 13.39 -1.88
N VAL A 365 17.17 14.45 -2.65
CA VAL A 365 18.15 14.98 -3.58
C VAL A 365 19.45 15.34 -2.88
N ASP A 366 19.36 16.12 -1.82
CA ASP A 366 20.52 16.52 -1.05
C ASP A 366 21.27 15.31 -0.48
N LEU A 367 20.55 14.37 0.16
CA LEU A 367 21.17 13.19 0.73
C LEU A 367 22.07 12.56 -0.29
N ALA A 368 21.46 12.20 -1.41
CA ALA A 368 22.17 11.61 -2.49
C ALA A 368 23.37 12.48 -2.87
N ASP A 369 23.14 13.76 -3.04
CA ASP A 369 24.21 14.61 -3.40
C ASP A 369 25.39 14.44 -2.46
N LYS A 370 25.11 14.27 -1.16
CA LYS A 370 26.16 14.08 -0.19
C LYS A 370 26.77 12.71 -0.36
N TYR A 371 25.94 11.72 -0.54
CA TYR A 371 26.44 10.39 -0.72
C TYR A 371 27.45 10.43 -1.86
N MET A 372 27.13 11.24 -2.90
CA MET A 372 27.98 11.39 -4.10
C MET A 372 29.38 11.88 -3.80
N VAL A 373 29.49 13.07 -3.19
CA VAL A 373 30.79 13.64 -2.87
C VAL A 373 31.68 12.67 -2.11
N GLU A 374 31.08 11.84 -1.25
CA GLU A 374 31.84 10.87 -0.49
C GLU A 374 32.35 9.84 -1.48
N ALA A 375 31.49 9.46 -2.41
CA ALA A 375 31.85 8.48 -3.43
C ALA A 375 32.89 9.06 -4.36
N ARG A 376 32.81 10.36 -4.65
CA ARG A 376 33.77 10.99 -5.51
C ARG A 376 35.13 10.96 -4.84
N TRP A 377 35.19 11.31 -3.53
CA TRP A 377 36.46 11.30 -2.76
C TRP A 377 37.00 9.91 -2.71
N PHE A 378 36.18 9.03 -2.32
CA PHE A 378 36.55 7.68 -2.22
C PHE A 378 37.20 7.19 -3.52
N TYR A 379 36.41 7.12 -4.63
CA TYR A 379 36.92 6.66 -5.94
C TYR A 379 38.10 7.50 -6.37
N GLY A 380 37.96 8.81 -6.25
CA GLY A 380 38.99 9.78 -6.58
C GLY A 380 40.19 9.57 -5.61
N GLY A 381 40.12 8.50 -4.82
CA GLY A 381 41.14 8.14 -3.85
C GLY A 381 41.51 9.39 -3.10
N HIS A 382 40.50 10.16 -2.73
CA HIS A 382 40.70 11.38 -2.00
C HIS A 382 40.66 11.16 -0.49
N LYS A 383 41.42 12.04 0.23
CA LYS A 383 41.54 11.99 1.70
C LYS A 383 41.19 13.36 2.31
N PRO A 384 39.91 13.58 2.66
CA PRO A 384 39.59 14.87 3.24
C PRO A 384 40.32 15.12 4.58
N SER A 385 39.85 16.08 5.27
CA SER A 385 40.39 16.41 6.52
C SER A 385 39.22 16.52 7.49
N LEU A 386 39.40 16.09 8.72
CA LEU A 386 38.35 16.15 9.70
C LEU A 386 37.26 17.18 9.39
N GLU A 387 37.63 18.47 9.26
CA GLU A 387 36.61 19.48 8.98
C GLU A 387 35.91 19.27 7.65
N GLU A 388 36.66 19.07 6.58
CA GLU A 388 36.09 18.86 5.23
C GLU A 388 35.04 17.75 5.26
N TYR A 389 35.45 16.61 5.78
CA TYR A 389 34.61 15.47 5.90
C TYR A 389 33.39 15.80 6.76
N LEU A 390 33.65 16.22 7.99
CA LEU A 390 32.60 16.56 8.93
C LEU A 390 31.51 17.46 8.40
N GLU A 391 31.82 18.32 7.49
CA GLU A 391 30.78 19.19 6.97
C GLU A 391 29.85 18.48 6.02
N ASN A 392 30.32 17.40 5.48
CA ASN A 392 29.53 16.63 4.58
C ASN A 392 28.90 15.53 5.41
N SER A 393 29.71 15.02 6.29
CA SER A 393 29.36 13.97 7.17
C SER A 393 28.00 14.12 7.83
N TRP A 394 27.73 15.22 8.49
CA TRP A 394 26.46 15.35 9.14
C TRP A 394 25.27 15.32 8.22
N GLN A 395 25.50 15.34 6.90
CA GLN A 395 24.40 15.31 5.94
C GLN A 395 24.31 13.98 5.22
N SER A 396 25.45 13.32 5.00
CA SER A 396 25.45 12.04 4.33
C SER A 396 24.97 10.93 5.27
N ILE A 397 24.68 11.28 6.49
CA ILE A 397 24.20 10.31 7.45
C ILE A 397 22.68 10.20 7.38
N SER A 398 22.05 11.23 6.82
CA SER A 398 20.60 11.26 6.63
C SER A 398 19.77 11.89 7.72
N GLY A 399 20.38 12.24 8.82
CA GLY A 399 19.69 12.85 9.96
C GLY A 399 18.69 13.87 9.45
N PRO A 400 19.14 14.75 8.55
CA PRO A 400 18.28 15.77 7.98
C PRO A 400 17.13 15.15 7.21
N CYS A 401 17.43 14.08 6.48
CA CYS A 401 16.44 13.38 5.70
C CYS A 401 15.42 12.74 6.65
N MET A 402 15.95 11.93 7.57
CA MET A 402 15.15 11.30 8.52
C MET A 402 14.33 12.38 9.20
N LEU A 403 14.99 13.40 9.72
CA LEU A 403 14.28 14.48 10.43
C LEU A 403 13.30 15.37 9.65
N THR A 404 13.56 15.67 8.35
CA THR A 404 12.59 16.50 7.61
C THR A 404 11.35 15.67 7.33
N HIS A 405 11.53 14.36 7.16
CA HIS A 405 10.38 13.54 6.92
C HIS A 405 9.47 13.51 8.13
N ILE A 406 10.10 13.38 9.28
CA ILE A 406 9.39 13.33 10.56
C ILE A 406 8.61 14.61 10.84
N PHE A 407 9.23 15.73 10.60
CA PHE A 407 8.61 17.01 10.86
C PHE A 407 7.16 17.08 10.37
N PHE A 408 6.95 16.78 9.11
CA PHE A 408 5.62 16.86 8.51
C PHE A 408 4.60 15.96 9.18
N ARG A 409 5.05 14.85 9.70
CA ARG A 409 4.19 13.89 10.33
C ARG A 409 3.92 14.16 11.80
N VAL A 410 4.91 14.66 12.46
CA VAL A 410 4.83 14.94 13.87
C VAL A 410 4.16 16.30 14.13
N THR A 411 4.33 17.21 13.18
CA THR A 411 3.79 18.56 13.26
C THR A 411 2.39 18.60 12.66
N ASP A 412 1.42 19.12 13.43
CA ASP A 412 0.03 19.18 12.98
C ASP A 412 -0.34 20.40 12.15
N SER A 413 0.49 21.41 12.19
CA SER A 413 0.23 22.62 11.42
C SER A 413 1.52 23.38 11.20
N PHE A 414 2.05 23.32 10.00
CA PHE A 414 3.24 24.01 9.75
C PHE A 414 2.91 25.34 9.09
N THR A 415 3.92 25.97 8.63
CA THR A 415 3.81 27.23 8.00
C THR A 415 4.35 27.06 6.60
N LYS A 416 5.48 27.67 6.38
CA LYS A 416 6.18 27.62 5.15
C LYS A 416 7.51 28.17 5.58
N GLU A 417 7.42 29.19 6.42
CA GLU A 417 8.56 29.79 6.95
C GLU A 417 9.22 28.67 7.74
N THR A 418 8.48 28.09 8.68
CA THR A 418 9.02 26.99 9.47
C THR A 418 9.68 25.99 8.53
N VAL A 419 8.88 25.45 7.63
CA VAL A 419 9.37 24.48 6.69
C VAL A 419 10.66 24.98 6.07
N ASP A 420 10.62 26.17 5.54
CA ASP A 420 11.76 26.73 4.94
C ASP A 420 12.93 26.76 5.89
N SER A 421 12.73 27.25 7.09
CA SER A 421 13.82 27.29 8.05
C SER A 421 14.29 25.88 8.30
N LEU A 422 13.39 25.03 8.57
CA LEU A 422 13.72 23.72 8.83
C LEU A 422 14.62 23.20 7.72
N TYR A 423 14.23 23.49 6.49
CA TYR A 423 14.96 22.99 5.34
C TYR A 423 16.30 23.58 4.98
N LYS A 424 16.70 24.66 5.59
CA LYS A 424 18.03 25.19 5.30
C LYS A 424 18.89 24.20 6.06
N TYR A 425 18.11 23.41 6.84
CA TYR A 425 18.56 22.43 7.71
C TYR A 425 18.97 23.27 8.89
N HIS A 426 17.97 23.39 9.69
CA HIS A 426 17.99 24.09 10.85
C HIS A 426 19.04 23.51 11.79
N ASP A 427 19.72 24.41 12.54
CA ASP A 427 20.78 24.01 13.46
C ASP A 427 20.45 22.76 14.25
N LEU A 428 19.19 22.66 14.72
CA LEU A 428 18.76 21.50 15.47
C LEU A 428 19.12 20.29 14.62
N VAL A 429 18.55 20.26 13.45
CA VAL A 429 18.79 19.23 12.56
C VAL A 429 20.27 19.02 12.49
N ARG A 430 20.99 20.08 12.30
CA ARG A 430 22.41 20.00 12.22
C ARG A 430 23.05 19.30 13.41
N TRP A 431 22.72 19.71 14.59
CA TRP A 431 23.34 19.08 15.70
C TRP A 431 22.86 17.69 16.00
N SER A 432 21.56 17.41 15.82
CA SER A 432 21.08 16.06 16.06
C SER A 432 21.74 15.07 15.08
N SER A 433 21.92 15.47 13.80
CA SER A 433 22.56 14.59 12.77
C SER A 433 24.05 14.40 13.04
N PHE A 434 24.62 15.36 13.72
CA PHE A 434 26.01 15.30 14.04
C PHE A 434 26.26 14.23 15.09
N VAL A 435 25.36 14.10 16.07
CA VAL A 435 25.52 13.06 17.08
C VAL A 435 25.36 11.72 16.34
N LEU A 436 24.25 11.59 15.66
CA LEU A 436 23.98 10.40 14.90
C LEU A 436 25.25 10.00 14.19
N ARG A 437 25.71 10.91 13.39
CA ARG A 437 26.87 10.69 12.64
C ARG A 437 28.07 10.27 13.48
N LEU A 438 28.56 11.15 14.33
CA LEU A 438 29.75 10.87 15.15
C LEU A 438 29.68 9.55 15.88
N ALA A 439 28.56 9.28 16.51
CA ALA A 439 28.37 8.06 17.22
C ALA A 439 28.52 6.88 16.25
N ASP A 440 27.84 6.99 15.13
CA ASP A 440 27.90 5.99 14.12
C ASP A 440 29.36 5.78 13.75
N ASP A 441 30.02 6.86 13.34
CA ASP A 441 31.41 6.82 12.94
C ASP A 441 32.30 6.27 14.04
N LEU A 442 31.80 6.27 15.26
CA LEU A 442 32.57 5.75 16.38
C LEU A 442 32.52 4.24 16.33
N GLY A 443 31.32 3.69 16.31
CA GLY A 443 31.14 2.24 16.26
C GLY A 443 31.12 1.62 14.86
N THR A 444 31.41 2.43 13.80
CA THR A 444 31.37 1.93 12.40
C THR A 444 32.43 2.52 11.47
N SER A 445 33.56 2.86 12.02
CA SER A 445 34.60 3.40 11.22
C SER A 445 35.38 2.21 10.69
N VAL A 446 35.50 1.21 11.58
CA VAL A 446 36.22 -0.06 11.33
C VAL A 446 36.04 -0.69 9.95
N GLU A 447 35.16 -1.73 9.87
CA GLU A 447 34.89 -2.42 8.61
C GLU A 447 34.45 -1.39 7.57
N GLU A 448 33.90 -0.27 8.05
CA GLU A 448 33.46 0.78 7.18
C GLU A 448 34.58 1.07 6.19
N VAL A 449 35.61 1.72 6.67
CA VAL A 449 36.71 2.07 5.82
C VAL A 449 37.57 0.88 5.42
N SER A 450 37.55 -0.20 6.18
CA SER A 450 38.37 -1.38 5.83
C SER A 450 37.66 -2.34 4.87
N ARG A 451 36.54 -1.90 4.31
CA ARG A 451 35.76 -2.73 3.39
C ARG A 451 35.31 -1.88 2.21
N GLY A 452 35.98 -0.74 2.05
CA GLY A 452 35.73 0.22 0.99
C GLY A 452 34.83 1.33 1.41
N ASP A 453 35.43 2.46 1.65
CA ASP A 453 34.72 3.63 2.06
C ASP A 453 35.70 4.77 2.31
N VAL A 454 35.22 6.03 2.21
CA VAL A 454 36.07 7.18 2.44
C VAL A 454 36.40 7.21 3.94
N PRO A 455 37.48 7.88 4.32
CA PRO A 455 37.79 7.91 5.73
C PRO A 455 36.70 8.59 6.56
N LYS A 456 36.59 8.19 7.83
CA LYS A 456 35.61 8.77 8.73
C LYS A 456 36.30 9.33 9.98
N SER A 457 35.77 10.42 10.51
CA SER A 457 36.32 11.08 11.72
C SER A 457 37.58 10.45 12.30
N LEU A 458 37.40 9.33 12.96
CA LEU A 458 38.50 8.67 13.53
C LEU A 458 39.71 8.70 12.62
N GLN A 459 39.55 8.23 11.40
CA GLN A 459 40.66 8.22 10.47
C GLN A 459 41.04 9.63 10.08
N CYS A 460 40.09 10.38 9.57
CA CYS A 460 40.37 11.71 9.17
C CYS A 460 41.15 12.45 10.23
N TYR A 461 40.79 12.29 11.50
CA TYR A 461 41.52 12.98 12.59
C TYR A 461 42.91 12.39 12.78
N MET A 462 42.93 11.08 12.85
CA MET A 462 44.12 10.34 13.01
C MET A 462 45.15 10.77 11.99
N SER A 463 44.72 11.00 10.81
CA SER A 463 45.65 11.39 9.84
C SER A 463 45.92 12.87 9.96
N ASP A 464 44.87 13.65 10.21
CA ASP A 464 44.99 15.07 10.33
C ASP A 464 46.10 15.48 11.29
N TYR A 465 45.94 15.18 12.55
CA TYR A 465 46.93 15.53 13.48
C TYR A 465 47.85 14.38 13.77
N ASN A 466 48.01 13.50 12.81
CA ASN A 466 48.85 12.34 12.95
C ASN A 466 48.89 11.83 14.39
N ALA A 467 47.80 11.18 14.81
CA ALA A 467 47.68 10.65 16.16
C ALA A 467 47.23 9.19 16.18
N SER A 468 46.92 8.70 17.38
CA SER A 468 46.50 7.36 17.59
C SER A 468 44.98 7.32 17.53
N GLU A 469 44.42 6.14 17.25
CA GLU A 469 42.99 5.98 17.16
C GLU A 469 42.37 6.23 18.53
N ALA A 470 43.18 6.10 19.54
CA ALA A 470 42.70 6.30 20.86
C ALA A 470 42.49 7.79 21.09
N GLU A 471 43.28 8.60 20.41
CA GLU A 471 43.19 10.03 20.51
C GLU A 471 42.06 10.48 19.61
N ALA A 472 41.98 9.84 18.47
CA ALA A 472 40.96 10.11 17.52
C ALA A 472 39.65 9.81 18.23
N ARG A 473 39.62 8.65 18.85
CA ARG A 473 38.46 8.18 19.56
C ARG A 473 38.05 9.15 20.67
N LYS A 474 39.05 9.74 21.31
CA LYS A 474 38.79 10.69 22.38
C LYS A 474 38.22 11.98 21.86
N HIS A 475 38.82 12.47 20.80
CA HIS A 475 38.38 13.66 20.21
C HIS A 475 36.92 13.54 19.82
N VAL A 476 36.66 12.64 18.91
CA VAL A 476 35.32 12.44 18.47
C VAL A 476 34.39 12.41 19.67
N LYS A 477 34.77 11.73 20.73
CA LYS A 477 33.94 11.66 21.92
C LYS A 477 33.66 13.09 22.41
N TRP A 478 34.71 13.87 22.48
CA TRP A 478 34.60 15.24 22.93
C TRP A 478 33.65 16.05 22.05
N LEU A 479 33.80 15.92 20.75
CA LEU A 479 32.96 16.60 19.80
C LEU A 479 31.50 16.36 20.12
N ILE A 480 31.17 15.08 20.41
CA ILE A 480 29.81 14.68 20.73
C ILE A 480 29.30 15.46 21.93
N ALA A 481 30.19 15.73 22.90
CA ALA A 481 29.81 16.47 24.10
C ALA A 481 29.48 17.91 23.72
N GLU A 482 30.32 18.46 22.82
CA GLU A 482 30.17 19.83 22.32
C GLU A 482 28.85 20.03 21.60
N VAL A 483 28.59 19.18 20.63
CA VAL A 483 27.38 19.26 19.88
C VAL A 483 26.17 19.16 20.81
N TRP A 484 26.22 18.26 21.84
CA TRP A 484 25.06 18.11 22.81
C TRP A 484 24.78 19.44 23.50
N LYS A 485 25.82 20.20 23.83
CA LYS A 485 25.64 21.49 24.47
C LYS A 485 24.89 22.44 23.54
N LYS A 486 25.31 22.47 22.28
CA LYS A 486 24.68 23.32 21.29
C LYS A 486 23.21 22.94 21.16
N MET A 487 22.98 21.64 21.25
CA MET A 487 21.67 21.07 21.14
C MET A 487 20.79 21.36 22.33
N ASN A 488 21.33 21.24 23.51
CA ASN A 488 20.57 21.50 24.68
C ASN A 488 20.07 22.91 24.59
N ALA A 489 20.97 23.78 24.28
CA ALA A 489 20.62 25.16 24.13
C ALA A 489 19.46 25.37 23.14
N GLU A 490 19.50 24.59 22.05
CA GLU A 490 18.49 24.68 21.01
C GLU A 490 17.19 23.96 21.34
N ARG A 491 17.26 22.80 21.97
CA ARG A 491 16.04 22.11 22.32
C ARG A 491 15.23 23.02 23.21
N VAL A 492 15.90 23.82 24.05
CA VAL A 492 15.12 24.69 24.92
C VAL A 492 14.88 26.06 24.35
N SER A 493 15.59 26.43 23.30
CA SER A 493 15.41 27.73 22.70
C SER A 493 13.95 28.10 22.62
N LYS A 494 13.71 29.39 22.80
CA LYS A 494 12.37 29.96 22.75
C LYS A 494 12.05 30.41 21.35
N ASP A 495 13.06 30.82 20.63
CA ASP A 495 12.87 31.26 19.30
C ASP A 495 12.71 30.07 18.36
N SER A 496 12.96 28.81 18.90
CA SER A 496 12.82 27.59 18.09
C SER A 496 11.44 27.63 17.48
N PRO A 497 11.35 27.29 16.20
CA PRO A 497 10.11 27.30 15.53
C PRO A 497 9.41 25.94 15.57
N PHE A 498 10.15 24.95 15.99
CA PHE A 498 9.65 23.62 16.03
C PHE A 498 8.84 23.34 17.31
N GLY A 499 7.84 22.41 17.22
CA GLY A 499 6.97 22.02 18.34
C GLY A 499 7.67 21.04 19.25
N LYS A 500 7.24 20.92 20.47
CA LYS A 500 7.89 20.02 21.43
C LYS A 500 8.18 18.61 20.93
N ASP A 501 7.21 18.00 20.24
CA ASP A 501 7.35 16.61 19.73
C ASP A 501 8.49 16.45 18.75
N PHE A 502 8.56 17.35 17.80
CA PHE A 502 9.56 17.32 16.82
C PHE A 502 10.94 17.53 17.39
N ILE A 503 11.13 18.68 18.06
CA ILE A 503 12.42 18.94 18.60
C ILE A 503 12.78 17.76 19.48
N GLY A 504 11.73 17.02 19.91
CA GLY A 504 11.84 15.84 20.77
C GLY A 504 12.38 14.65 20.01
N CYS A 505 12.12 14.59 18.71
CA CYS A 505 12.61 13.50 17.91
C CYS A 505 14.02 13.82 17.44
N ALA A 506 14.32 15.11 17.42
CA ALA A 506 15.64 15.58 17.04
C ALA A 506 16.68 15.16 18.09
N VAL A 507 16.31 15.37 19.41
CA VAL A 507 17.18 15.02 20.57
C VAL A 507 17.30 13.51 20.73
N ASP A 508 16.13 12.84 20.66
CA ASP A 508 16.06 11.37 20.81
C ASP A 508 16.80 10.61 19.72
N LEU A 509 16.89 11.21 18.54
CA LEU A 509 17.61 10.60 17.44
C LEU A 509 19.08 10.50 17.85
N GLY A 510 19.55 11.54 18.50
CA GLY A 510 20.91 11.65 18.98
C GLY A 510 21.06 10.56 20.05
N ARG A 511 20.12 10.50 20.98
CA ARG A 511 20.19 9.51 22.01
C ARG A 511 20.07 8.08 21.48
N MET A 512 19.29 7.85 20.41
CA MET A 512 19.15 6.50 19.90
C MET A 512 20.45 5.99 19.30
N ALA A 513 21.10 6.86 18.57
CA ALA A 513 22.34 6.52 17.95
C ALA A 513 23.36 6.15 19.01
N GLN A 514 23.28 6.84 20.14
CA GLN A 514 24.19 6.61 21.25
C GLN A 514 24.00 5.21 21.85
N LEU A 515 22.88 4.58 21.50
CA LEU A 515 22.59 3.22 21.98
C LEU A 515 23.08 2.27 20.91
N MET A 516 22.45 2.39 19.76
CA MET A 516 22.78 1.57 18.64
C MET A 516 24.28 1.40 18.47
N TYR A 517 25.02 2.54 18.36
CA TYR A 517 26.48 2.50 18.17
C TYR A 517 27.31 2.50 19.44
N HIS A 518 26.67 2.14 20.54
CA HIS A 518 27.35 2.10 21.79
C HIS A 518 28.20 0.84 21.88
N ASN A 519 28.19 0.02 20.84
CA ASN A 519 28.97 -1.19 20.84
C ASN A 519 29.36 -1.69 19.45
N GLY A 520 28.41 -1.70 18.54
CA GLY A 520 28.63 -2.16 17.17
C GLY A 520 27.94 -1.27 16.18
N ASP A 521 27.24 -1.89 15.20
CA ASP A 521 26.49 -1.17 14.15
C ASP A 521 24.97 -1.29 14.34
N GLY A 522 24.52 -2.47 14.82
CA GLY A 522 23.11 -2.76 15.03
C GLY A 522 22.46 -2.82 13.60
N HIS A 523 23.32 -2.66 12.59
CA HIS A 523 22.89 -2.68 11.21
C HIS A 523 23.81 -3.59 10.41
N GLY A 524 24.77 -2.97 9.70
CA GLY A 524 25.75 -3.66 8.86
C GLY A 524 25.80 -5.14 9.16
N THR A 525 26.30 -5.47 10.34
CA THR A 525 26.40 -6.87 10.78
C THR A 525 25.53 -7.12 12.02
N GLN A 526 25.29 -6.02 12.79
CA GLN A 526 24.50 -6.05 14.03
C GLN A 526 25.39 -6.23 15.26
N HIS A 527 24.76 -6.33 16.44
CA HIS A 527 25.50 -6.52 17.67
C HIS A 527 24.62 -7.05 18.79
N PRO A 528 24.85 -8.30 19.22
CA PRO A 528 24.13 -9.00 20.30
C PRO A 528 23.36 -8.09 21.23
N ILE A 529 24.08 -7.39 22.04
CA ILE A 529 23.49 -6.51 22.96
C ILE A 529 22.39 -5.71 22.28
N ILE A 530 22.66 -5.26 21.08
CA ILE A 530 21.66 -4.52 20.35
C ILE A 530 20.53 -5.49 20.04
N HIS A 531 20.90 -6.62 19.47
CA HIS A 531 19.98 -7.67 19.10
C HIS A 531 19.01 -7.95 20.24
N GLN A 532 19.56 -8.14 21.44
CA GLN A 532 18.75 -8.41 22.62
C GLN A 532 17.81 -7.23 22.91
N GLN A 533 18.40 -6.02 22.95
CA GLN A 533 17.66 -4.78 23.21
C GLN A 533 16.41 -4.74 22.34
N MET A 534 16.57 -5.25 21.11
CA MET A 534 15.52 -5.28 20.14
C MET A 534 14.49 -6.36 20.46
N THR A 535 14.96 -7.60 20.67
CA THR A 535 14.07 -8.70 20.98
C THR A 535 13.24 -8.40 22.22
N ARG A 536 13.89 -7.82 23.22
CA ARG A 536 13.26 -7.48 24.47
C ARG A 536 12.26 -6.34 24.42
N THR A 537 12.44 -5.37 23.53
CA THR A 537 11.52 -4.24 23.48
C THR A 537 10.48 -4.36 22.36
N LEU A 538 10.76 -5.22 21.39
CA LEU A 538 9.87 -5.43 20.25
C LEU A 538 9.11 -6.75 20.29
N PHE A 539 9.79 -7.79 20.72
CA PHE A 539 9.20 -9.08 20.75
C PHE A 539 8.81 -9.70 22.10
N GLU A 540 9.63 -9.54 23.16
CA GLU A 540 9.31 -10.15 24.49
C GLU A 540 8.49 -9.27 25.42
N PRO A 541 7.48 -9.86 26.10
CA PRO A 541 6.61 -9.16 27.03
C PRO A 541 7.23 -9.09 28.43
N PHE A 542 6.67 -8.23 29.25
CA PHE A 542 7.15 -8.01 30.60
C PHE A 542 6.38 -8.84 31.62
N ALA A 543 6.93 -8.95 32.86
CA ALA A 543 6.30 -9.70 33.94
C ALA A 543 5.52 -8.80 34.90
N MET B 1 -24.15 25.64 -6.56
CA MET B 1 -24.15 25.60 -8.02
C MET B 1 -23.11 24.61 -8.55
N ARG B 2 -23.14 23.39 -7.96
CA ARG B 2 -22.23 22.30 -8.33
C ARG B 2 -22.93 21.39 -9.35
N ARG B 3 -23.94 20.60 -8.83
CA ARG B 3 -24.76 19.65 -9.60
C ARG B 3 -25.01 18.32 -8.88
N SER B 4 -23.99 17.79 -8.20
CA SER B 4 -24.08 16.49 -7.48
C SER B 4 -25.27 15.65 -7.94
N GLY B 5 -24.98 14.66 -8.79
CA GLY B 5 -25.96 13.74 -9.35
C GLY B 5 -26.57 12.90 -8.28
N ASN B 6 -26.74 13.48 -7.07
CA ASN B 6 -27.34 12.82 -5.91
C ASN B 6 -27.25 11.31 -5.98
N TYR B 7 -26.21 10.73 -5.34
CA TYR B 7 -26.01 9.27 -5.36
C TYR B 7 -26.44 8.59 -4.07
N ASN B 8 -26.21 7.28 -4.04
CA ASN B 8 -26.53 6.46 -2.90
C ASN B 8 -25.24 5.83 -2.38
N PRO B 9 -25.24 5.42 -1.11
CA PRO B 9 -24.12 4.76 -0.36
C PRO B 9 -23.99 3.24 -0.50
N SER B 10 -22.74 2.80 -0.66
CA SER B 10 -22.42 1.37 -0.80
C SER B 10 -23.19 0.58 0.25
N ARG B 11 -24.13 -0.26 -0.19
CA ARG B 11 -24.92 -1.07 0.72
C ARG B 11 -24.07 -1.89 1.71
N TRP B 12 -22.74 -2.03 1.44
CA TRP B 12 -21.81 -2.80 2.33
C TRP B 12 -20.82 -1.85 3.01
N ASP B 13 -20.82 -1.88 4.33
CA ASP B 13 -19.96 -1.04 5.15
C ASP B 13 -18.48 -1.37 5.06
N VAL B 14 -17.81 -1.08 6.19
CA VAL B 14 -16.41 -1.31 6.39
C VAL B 14 -16.23 -2.65 7.07
N ASN B 15 -16.67 -2.70 8.32
CA ASN B 15 -16.56 -3.90 9.14
C ASN B 15 -16.89 -5.18 8.38
N PHE B 16 -18.03 -5.21 7.73
CA PHE B 16 -18.42 -6.37 6.96
C PHE B 16 -17.30 -6.60 5.96
N ILE B 17 -17.28 -5.74 4.97
CA ILE B 17 -16.31 -5.81 3.94
C ILE B 17 -14.92 -6.07 4.51
N GLN B 18 -14.66 -5.58 5.72
CA GLN B 18 -13.36 -5.75 6.32
C GLN B 18 -13.17 -7.07 7.07
N SER B 19 -14.25 -7.65 7.61
CA SER B 19 -14.17 -8.91 8.40
C SER B 19 -14.24 -10.23 7.62
N LEU B 20 -15.47 -10.57 7.13
CA LEU B 20 -15.74 -11.81 6.36
C LEU B 20 -14.54 -12.71 6.06
N LEU B 21 -14.73 -14.04 6.20
CA LEU B 21 -13.65 -14.99 5.95
C LEU B 21 -14.13 -16.44 5.74
N SER B 22 -14.34 -16.84 4.47
CA SER B 22 -14.77 -18.20 4.16
C SER B 22 -13.56 -19.10 4.40
N ASP B 23 -13.68 -20.06 5.33
CA ASP B 23 -12.55 -20.95 5.63
C ASP B 23 -11.99 -21.66 4.42
N TYR B 24 -12.70 -21.63 3.31
CA TYR B 24 -12.23 -22.27 2.14
C TYR B 24 -10.83 -21.80 1.84
N LYS B 25 -10.44 -20.69 2.46
CA LYS B 25 -9.13 -20.14 2.32
C LYS B 25 -8.13 -21.19 2.79
N GLU B 26 -8.65 -22.17 3.55
CA GLU B 26 -7.83 -23.21 4.11
C GLU B 26 -7.41 -24.26 3.10
N ASP B 27 -6.10 -24.30 2.90
CA ASP B 27 -5.44 -25.20 2.01
C ASP B 27 -6.00 -26.63 2.07
N LYS B 28 -6.47 -27.04 3.24
CA LYS B 28 -7.01 -28.37 3.38
C LYS B 28 -8.27 -28.53 2.54
N HIS B 29 -8.56 -27.52 1.72
CA HIS B 29 -9.71 -27.53 0.86
C HIS B 29 -9.32 -27.77 -0.58
N VAL B 30 -8.31 -27.07 -0.98
CA VAL B 30 -7.82 -27.18 -2.30
C VAL B 30 -7.67 -28.64 -2.67
N ILE B 31 -6.79 -29.30 -1.94
CA ILE B 31 -6.49 -30.68 -2.16
C ILE B 31 -7.68 -31.60 -2.37
N ARG B 32 -8.77 -31.41 -1.64
CA ARG B 32 -9.92 -32.24 -1.82
C ARG B 32 -10.33 -32.15 -3.30
N ALA B 33 -10.36 -30.91 -3.78
CA ALA B 33 -10.71 -30.62 -5.16
C ALA B 33 -9.61 -31.17 -6.05
N SER B 34 -8.38 -31.03 -5.60
CA SER B 34 -7.25 -31.50 -6.34
C SER B 34 -7.38 -32.99 -6.63
N GLU B 35 -8.29 -33.67 -5.90
CA GLU B 35 -8.53 -35.11 -6.09
C GLU B 35 -9.78 -35.24 -6.94
N LEU B 36 -10.85 -34.59 -6.50
CA LEU B 36 -12.07 -34.60 -7.23
C LEU B 36 -11.78 -34.29 -8.68
N VAL B 37 -10.76 -33.49 -8.89
CA VAL B 37 -10.36 -33.11 -10.18
C VAL B 37 -9.91 -34.34 -10.90
N THR B 38 -8.73 -34.83 -10.56
CA THR B 38 -8.20 -36.01 -11.19
C THR B 38 -9.31 -37.02 -11.44
N LEU B 39 -10.33 -37.00 -10.59
CA LEU B 39 -11.46 -37.89 -10.75
C LEU B 39 -12.23 -37.43 -11.98
N VAL B 40 -12.98 -36.35 -11.82
CA VAL B 40 -13.74 -35.79 -12.89
C VAL B 40 -12.93 -35.71 -14.16
N LYS B 41 -11.63 -35.62 -14.03
CA LYS B 41 -10.76 -35.55 -15.19
C LYS B 41 -10.71 -36.89 -15.90
N MET B 42 -10.86 -37.95 -15.15
CA MET B 42 -10.83 -39.28 -15.72
C MET B 42 -12.16 -39.63 -16.35
N GLU B 43 -13.24 -39.39 -15.63
CA GLU B 43 -14.55 -39.68 -16.14
C GLU B 43 -14.58 -39.09 -17.54
N LEU B 44 -13.92 -37.96 -17.64
CA LEU B 44 -13.79 -37.21 -18.86
C LEU B 44 -13.00 -38.02 -19.88
N GLU B 45 -11.70 -37.95 -19.74
CA GLU B 45 -10.78 -38.62 -20.61
C GLU B 45 -11.04 -40.12 -20.74
N LYS B 46 -12.09 -40.63 -20.12
CA LYS B 46 -12.37 -42.05 -20.24
C LYS B 46 -13.69 -42.30 -20.94
N GLU B 47 -14.42 -41.23 -21.15
CA GLU B 47 -15.66 -41.31 -21.82
C GLU B 47 -15.40 -41.68 -23.27
N THR B 48 -16.41 -42.25 -23.93
CA THR B 48 -16.29 -42.66 -25.32
C THR B 48 -17.31 -42.02 -26.22
N ASP B 49 -18.54 -41.88 -25.75
CA ASP B 49 -19.55 -41.25 -26.56
C ASP B 49 -19.16 -39.78 -26.67
N GLN B 50 -18.70 -39.39 -27.82
CA GLN B 50 -18.29 -38.05 -28.02
C GLN B 50 -19.33 -37.05 -27.53
N ILE B 51 -20.58 -37.19 -27.97
CA ILE B 51 -21.64 -36.29 -27.55
C ILE B 51 -21.75 -36.19 -26.03
N ARG B 52 -21.47 -37.29 -25.35
CA ARG B 52 -21.50 -37.35 -23.89
C ARG B 52 -20.40 -36.40 -23.39
N GLN B 53 -19.20 -36.56 -23.98
CA GLN B 53 -18.04 -35.74 -23.63
C GLN B 53 -18.38 -34.26 -23.76
N LEU B 54 -18.55 -33.80 -24.99
CA LEU B 54 -18.88 -32.43 -25.25
C LEU B 54 -19.86 -32.01 -24.19
N GLU B 55 -20.91 -32.78 -24.06
CA GLU B 55 -21.93 -32.49 -23.10
C GLU B 55 -21.34 -32.13 -21.73
N LEU B 56 -20.48 -32.99 -21.19
CA LEU B 56 -19.90 -32.69 -19.91
C LEU B 56 -19.02 -31.45 -20.03
N ILE B 57 -18.27 -31.34 -21.17
CA ILE B 57 -17.40 -30.19 -21.38
C ILE B 57 -18.22 -28.93 -21.18
N ASP B 58 -19.41 -28.89 -21.71
CA ASP B 58 -20.24 -27.74 -21.56
C ASP B 58 -20.58 -27.46 -20.09
N ASP B 59 -20.84 -28.53 -19.34
CA ASP B 59 -21.20 -28.41 -17.92
C ASP B 59 -20.05 -27.91 -17.07
N LEU B 60 -18.93 -28.62 -17.14
CA LEU B 60 -17.77 -28.26 -16.39
C LEU B 60 -17.56 -26.76 -16.51
N GLN B 61 -17.76 -26.27 -17.72
CA GLN B 61 -17.60 -24.86 -18.01
C GLN B 61 -18.69 -23.99 -17.41
N ARG B 62 -19.92 -24.24 -17.83
CA ARG B 62 -21.03 -23.49 -17.37
C ARG B 62 -21.11 -23.51 -15.86
N MET B 63 -20.43 -24.47 -15.25
CA MET B 63 -20.42 -24.60 -13.80
C MET B 63 -19.22 -23.90 -13.16
N GLY B 64 -18.26 -23.48 -13.97
CA GLY B 64 -17.06 -22.76 -13.51
C GLY B 64 -15.79 -23.47 -13.20
N LEU B 65 -15.66 -24.70 -13.65
CA LEU B 65 -14.46 -25.45 -13.38
C LEU B 65 -13.46 -25.41 -14.52
N SER B 66 -13.84 -24.68 -15.52
CA SER B 66 -13.04 -24.53 -16.72
C SER B 66 -11.55 -24.44 -16.45
N ASP B 67 -11.18 -23.87 -15.34
CA ASP B 67 -9.81 -23.68 -15.01
C ASP B 67 -8.90 -24.90 -14.99
N HIS B 68 -9.34 -26.01 -14.42
CA HIS B 68 -8.47 -27.18 -14.37
C HIS B 68 -8.90 -28.29 -15.30
N PHE B 69 -9.19 -27.95 -16.53
CA PHE B 69 -9.62 -28.95 -17.50
C PHE B 69 -9.28 -28.46 -18.89
N GLN B 70 -8.61 -27.33 -18.91
CA GLN B 70 -8.27 -26.72 -20.14
C GLN B 70 -7.63 -27.70 -21.11
N ASN B 71 -6.51 -28.26 -20.74
CA ASN B 71 -5.84 -29.16 -21.62
C ASN B 71 -6.71 -30.35 -22.02
N GLU B 72 -7.73 -30.66 -21.23
CA GLU B 72 -8.59 -31.74 -21.61
C GLU B 72 -9.42 -31.18 -22.75
N PHE B 73 -10.15 -30.11 -22.50
CA PHE B 73 -10.96 -29.50 -23.52
C PHE B 73 -10.23 -29.43 -24.84
N LYS B 74 -8.98 -29.02 -24.80
CA LYS B 74 -8.19 -28.90 -26.01
C LYS B 74 -8.11 -30.22 -26.76
N GLU B 75 -7.54 -31.29 -26.11
CA GLU B 75 -7.40 -32.64 -26.73
C GLU B 75 -8.71 -33.12 -27.33
N ILE B 76 -9.75 -33.10 -26.51
CA ILE B 76 -11.03 -33.55 -26.93
C ILE B 76 -11.61 -32.80 -28.12
N LEU B 77 -12.02 -31.56 -27.94
CA LEU B 77 -12.59 -30.84 -29.04
C LEU B 77 -11.65 -30.99 -30.23
N SER B 78 -10.36 -30.98 -29.94
CA SER B 78 -9.38 -31.15 -30.98
C SER B 78 -9.76 -32.36 -31.80
N SER B 79 -9.73 -33.57 -31.16
CA SER B 79 -10.07 -34.85 -31.81
C SER B 79 -11.45 -34.80 -32.46
N ILE B 80 -12.50 -34.69 -31.66
CA ILE B 80 -13.82 -34.60 -32.22
C ILE B 80 -13.82 -33.80 -33.53
N TYR B 81 -13.26 -32.64 -33.48
CA TYR B 81 -13.19 -31.78 -34.62
C TYR B 81 -12.52 -32.46 -35.81
N LEU B 82 -11.42 -33.21 -35.57
CA LEU B 82 -10.69 -33.92 -36.65
C LEU B 82 -11.44 -35.17 -37.15
N ASP B 83 -11.79 -36.07 -36.20
CA ASP B 83 -12.53 -37.31 -36.53
C ASP B 83 -14.01 -36.98 -36.65
N HIS B 84 -14.31 -36.19 -37.62
CA HIS B 84 -15.64 -35.75 -37.88
C HIS B 84 -15.53 -34.89 -39.12
N HIS B 85 -14.28 -34.55 -39.42
CA HIS B 85 -13.93 -33.75 -40.55
C HIS B 85 -14.70 -32.44 -40.60
N TYR B 86 -14.42 -31.60 -39.62
CA TYR B 86 -15.04 -30.34 -39.52
C TYR B 86 -14.24 -29.34 -40.32
N TYR B 87 -12.95 -29.64 -40.52
CA TYR B 87 -12.09 -28.75 -41.26
C TYR B 87 -12.32 -28.80 -42.76
N LYS B 88 -12.96 -29.87 -43.24
CA LYS B 88 -13.25 -30.02 -44.67
C LYS B 88 -14.35 -29.02 -45.08
N ASN B 89 -14.22 -28.49 -46.30
CA ASN B 89 -15.15 -27.48 -46.84
C ASN B 89 -16.66 -27.77 -46.84
N PRO B 90 -17.08 -29.05 -46.80
CA PRO B 90 -18.54 -29.35 -46.80
C PRO B 90 -18.96 -30.47 -45.83
N PHE B 91 -19.38 -31.66 -46.42
CA PHE B 91 -19.82 -32.86 -45.67
C PHE B 91 -21.33 -33.02 -45.38
N PRO B 92 -22.20 -32.17 -45.97
CA PRO B 92 -23.67 -32.29 -45.71
C PRO B 92 -24.41 -33.23 -46.65
N LYS B 93 -24.55 -34.49 -46.23
CA LYS B 93 -25.23 -35.51 -47.02
C LYS B 93 -26.65 -35.78 -46.47
N GLU B 94 -26.91 -35.28 -45.19
CA GLU B 94 -28.23 -35.42 -44.43
C GLU B 94 -28.14 -36.53 -43.39
N GLU B 95 -26.96 -36.64 -42.79
CA GLU B 95 -26.70 -37.62 -41.81
C GLU B 95 -26.68 -36.98 -40.43
N ARG B 96 -26.47 -35.68 -40.39
CA ARG B 96 -26.38 -34.97 -39.13
C ARG B 96 -27.68 -34.86 -38.33
N ASP B 97 -27.52 -34.57 -37.02
CA ASP B 97 -28.64 -34.39 -36.09
C ASP B 97 -28.52 -32.99 -35.47
N LEU B 98 -29.63 -32.25 -35.41
CA LEU B 98 -29.63 -30.94 -34.87
C LEU B 98 -28.75 -30.86 -33.62
N TYR B 99 -29.24 -31.45 -32.54
CA TYR B 99 -28.54 -31.43 -31.30
C TYR B 99 -27.02 -31.53 -31.36
N SER B 100 -26.51 -32.75 -31.33
CA SER B 100 -25.06 -33.01 -31.33
C SER B 100 -24.24 -32.21 -32.34
N THR B 101 -24.90 -31.60 -33.28
CA THR B 101 -24.21 -30.84 -34.25
C THR B 101 -24.29 -29.37 -33.81
N SER B 102 -25.48 -28.90 -33.51
CA SER B 102 -25.63 -27.54 -33.06
C SER B 102 -24.69 -27.30 -31.87
N LEU B 103 -24.41 -28.39 -31.13
CA LEU B 103 -23.54 -28.38 -29.94
C LEU B 103 -22.05 -28.47 -30.23
N ALA B 104 -21.63 -29.42 -31.05
CA ALA B 104 -20.19 -29.55 -31.37
C ALA B 104 -19.73 -28.29 -32.09
N PHE B 105 -20.69 -27.65 -32.81
CA PHE B 105 -20.44 -26.39 -33.53
C PHE B 105 -20.00 -25.39 -32.46
N ARG B 106 -20.96 -25.10 -31.55
CA ARG B 106 -20.74 -24.18 -30.46
C ARG B 106 -19.36 -24.34 -29.85
N LEU B 107 -19.19 -25.38 -29.01
CA LEU B 107 -17.90 -25.60 -28.36
C LEU B 107 -16.72 -25.55 -29.33
N LEU B 108 -16.87 -26.10 -30.52
CA LEU B 108 -15.76 -26.09 -31.48
C LEU B 108 -15.40 -24.64 -31.84
N ARG B 109 -16.42 -23.88 -32.20
CA ARG B 109 -16.23 -22.47 -32.58
C ARG B 109 -15.77 -21.67 -31.40
N GLU B 110 -16.47 -21.77 -30.34
CA GLU B 110 -16.13 -21.08 -29.18
C GLU B 110 -14.65 -21.27 -28.85
N HIS B 111 -14.17 -22.49 -28.98
CA HIS B 111 -12.78 -22.78 -28.65
C HIS B 111 -11.87 -22.49 -29.82
N GLY B 112 -12.32 -21.64 -30.68
CA GLY B 112 -11.59 -21.21 -31.86
C GLY B 112 -11.48 -22.08 -33.10
N PHE B 113 -12.21 -23.19 -33.13
CA PHE B 113 -12.17 -24.06 -34.26
C PHE B 113 -12.97 -23.45 -35.42
N GLN B 114 -12.39 -23.49 -36.60
CA GLN B 114 -13.03 -22.96 -37.76
C GLN B 114 -13.91 -24.02 -38.38
N VAL B 115 -15.22 -23.91 -38.18
CA VAL B 115 -16.13 -24.86 -38.77
C VAL B 115 -17.23 -24.12 -39.53
N ALA B 116 -17.22 -24.35 -40.84
CA ALA B 116 -18.14 -23.73 -41.74
C ALA B 116 -19.58 -23.66 -41.25
N GLN B 117 -20.28 -22.69 -41.75
CA GLN B 117 -21.64 -22.49 -41.38
C GLN B 117 -22.51 -23.48 -42.15
N GLU B 118 -21.92 -24.05 -43.18
CA GLU B 118 -22.60 -24.98 -44.05
C GLU B 118 -22.90 -26.32 -43.41
N VAL B 119 -22.54 -26.50 -42.19
CA VAL B 119 -22.82 -27.73 -41.57
C VAL B 119 -24.33 -27.86 -41.39
N PHE B 120 -24.99 -26.77 -40.99
CA PHE B 120 -26.43 -26.80 -40.77
C PHE B 120 -27.21 -26.87 -42.06
N ASP B 121 -26.50 -26.95 -43.17
CA ASP B 121 -27.13 -27.02 -44.46
C ASP B 121 -27.91 -28.33 -44.57
N SER B 122 -27.28 -29.39 -44.11
CA SER B 122 -27.88 -30.69 -44.15
C SER B 122 -29.20 -30.72 -43.38
N PHE B 123 -29.70 -29.54 -42.93
CA PHE B 123 -30.96 -29.45 -42.14
C PHE B 123 -32.00 -28.56 -42.78
N LYS B 124 -31.87 -28.28 -44.04
CA LYS B 124 -32.83 -27.43 -44.65
C LYS B 124 -33.62 -28.14 -45.73
N ASN B 125 -34.85 -27.73 -45.92
CA ASN B 125 -35.68 -28.35 -46.89
C ASN B 125 -35.41 -27.91 -48.32
N GLU B 126 -36.49 -27.99 -49.12
CA GLU B 126 -36.52 -27.66 -50.57
C GLU B 126 -36.08 -26.23 -50.92
N GLU B 127 -36.98 -25.25 -50.68
CA GLU B 127 -36.70 -23.86 -50.96
C GLU B 127 -35.60 -23.33 -50.03
N GLY B 128 -34.74 -24.26 -49.55
CA GLY B 128 -33.63 -23.97 -48.63
C GLY B 128 -34.28 -24.22 -47.31
N GLU B 129 -34.63 -23.14 -46.61
CA GLU B 129 -35.31 -23.18 -45.30
C GLU B 129 -35.10 -24.43 -44.46
N PHE B 130 -34.80 -24.21 -43.20
CA PHE B 130 -34.59 -25.28 -42.29
C PHE B 130 -35.78 -26.22 -42.36
N LYS B 131 -35.50 -27.49 -42.24
CA LYS B 131 -36.51 -28.47 -42.30
C LYS B 131 -37.54 -28.30 -41.20
N GLU B 132 -38.77 -28.46 -41.61
CA GLU B 132 -39.96 -28.37 -40.75
C GLU B 132 -40.03 -29.46 -39.67
N SER B 133 -39.81 -30.71 -40.10
CA SER B 133 -39.83 -31.84 -39.23
C SER B 133 -39.18 -31.49 -37.90
N LEU B 134 -37.92 -31.07 -37.95
CA LEU B 134 -37.19 -30.73 -36.75
C LEU B 134 -37.82 -29.60 -35.95
N SER B 135 -39.08 -29.31 -36.23
CA SER B 135 -39.77 -28.30 -35.48
C SER B 135 -40.19 -29.07 -34.24
N ASP B 136 -39.80 -30.34 -34.26
CA ASP B 136 -40.09 -31.26 -33.20
C ASP B 136 -38.94 -31.42 -32.19
N ASP B 137 -37.68 -31.58 -32.70
CA ASP B 137 -36.46 -31.78 -31.80
C ASP B 137 -36.16 -30.61 -30.86
N THR B 138 -37.15 -30.18 -30.12
CA THR B 138 -37.01 -29.10 -29.20
C THR B 138 -35.66 -29.15 -28.48
N ARG B 139 -35.29 -30.32 -28.00
CA ARG B 139 -34.03 -30.50 -27.30
C ARG B 139 -32.92 -29.87 -28.13
N GLY B 140 -32.58 -30.47 -29.24
CA GLY B 140 -31.54 -30.02 -30.15
C GLY B 140 -31.94 -28.74 -30.89
N LEU B 141 -33.13 -28.24 -30.63
CA LEU B 141 -33.58 -27.03 -31.29
C LEU B 141 -33.14 -25.84 -30.42
N LEU B 142 -32.60 -26.20 -29.25
CA LEU B 142 -32.10 -25.21 -28.33
C LEU B 142 -30.61 -25.11 -28.59
N GLN B 143 -29.99 -26.26 -28.84
CA GLN B 143 -28.59 -26.30 -29.12
C GLN B 143 -28.29 -25.50 -30.38
N LEU B 144 -29.30 -25.41 -31.30
CA LEU B 144 -29.15 -24.63 -32.55
C LEU B 144 -29.22 -23.15 -32.23
N TYR B 145 -30.30 -22.76 -31.57
CA TYR B 145 -30.47 -21.38 -31.18
C TYR B 145 -29.23 -20.93 -30.44
N GLU B 146 -28.63 -21.86 -29.78
CA GLU B 146 -27.47 -21.61 -29.01
C GLU B 146 -26.23 -21.39 -29.85
N ALA B 147 -26.06 -22.13 -30.92
CA ALA B 147 -24.87 -21.97 -31.74
C ALA B 147 -24.99 -20.81 -32.73
N SER B 148 -26.21 -20.38 -33.00
CA SER B 148 -26.42 -19.30 -33.91
C SER B 148 -25.74 -18.01 -33.45
N PHE B 149 -25.29 -18.02 -32.22
CA PHE B 149 -24.65 -16.85 -31.69
C PHE B 149 -23.16 -16.91 -31.86
N LEU B 150 -22.63 -17.94 -32.50
CA LEU B 150 -21.22 -18.00 -32.70
C LEU B 150 -20.86 -17.57 -34.13
N LEU B 151 -21.77 -16.74 -34.72
CA LEU B 151 -21.62 -16.24 -36.11
C LEU B 151 -20.84 -14.93 -36.34
N THR B 152 -20.80 -14.49 -37.65
CA THR B 152 -20.13 -13.24 -38.12
C THR B 152 -21.09 -12.61 -39.17
N GLU B 153 -20.78 -11.50 -39.92
CA GLU B 153 -21.87 -11.04 -40.82
C GLU B 153 -22.07 -12.07 -41.91
N GLY B 154 -21.07 -12.30 -42.69
CA GLY B 154 -21.16 -13.24 -43.78
C GLY B 154 -21.82 -14.63 -43.58
N GLU B 155 -22.43 -14.92 -42.39
CA GLU B 155 -23.02 -16.25 -42.14
C GLU B 155 -24.54 -16.27 -42.02
N THR B 156 -25.22 -16.14 -43.11
CA THR B 156 -26.68 -16.10 -43.08
C THR B 156 -27.36 -17.35 -42.56
N THR B 157 -26.79 -18.48 -42.79
CA THR B 157 -27.38 -19.70 -42.32
C THR B 157 -27.61 -19.69 -40.82
N LEU B 158 -26.59 -19.26 -40.03
CA LEU B 158 -26.71 -19.21 -38.59
C LEU B 158 -27.68 -18.12 -38.21
N GLU B 159 -27.79 -17.16 -39.05
CA GLU B 159 -28.69 -16.09 -38.79
C GLU B 159 -30.10 -16.63 -38.81
N SER B 160 -30.43 -17.33 -39.89
CA SER B 160 -31.74 -17.89 -40.05
C SER B 160 -32.02 -18.91 -38.96
N ALA B 161 -31.04 -19.76 -38.70
CA ALA B 161 -31.17 -20.75 -37.68
C ALA B 161 -31.77 -20.13 -36.42
N ARG B 162 -31.12 -19.09 -35.92
CA ARG B 162 -31.60 -18.41 -34.71
C ARG B 162 -32.99 -17.91 -34.99
N GLU B 163 -33.20 -17.44 -36.18
CA GLU B 163 -34.48 -16.95 -36.56
C GLU B 163 -35.46 -18.09 -36.32
N PHE B 164 -35.17 -19.27 -36.94
CA PHE B 164 -36.01 -20.48 -36.87
C PHE B 164 -36.21 -21.04 -35.48
N ALA B 165 -35.15 -21.58 -34.92
CA ALA B 165 -35.19 -22.19 -33.63
C ALA B 165 -35.95 -21.35 -32.62
N THR B 166 -35.96 -20.05 -32.77
CA THR B 166 -36.68 -19.19 -31.83
C THR B 166 -38.17 -19.39 -32.00
N LYS B 167 -38.63 -19.21 -33.22
CA LYS B 167 -40.01 -19.37 -33.53
C LYS B 167 -40.57 -20.45 -32.64
N PHE B 168 -39.91 -21.58 -32.64
CA PHE B 168 -40.33 -22.70 -31.85
C PHE B 168 -40.03 -22.63 -30.36
N LEU B 169 -38.79 -22.40 -29.99
CA LEU B 169 -38.46 -22.31 -28.60
C LEU B 169 -39.50 -21.34 -28.04
N GLU B 170 -39.64 -20.23 -28.75
CA GLU B 170 -40.57 -19.19 -28.41
C GLU B 170 -41.93 -19.70 -27.96
N GLU B 171 -42.37 -20.81 -28.56
CA GLU B 171 -43.68 -21.40 -28.24
C GLU B 171 -43.61 -22.59 -27.27
N LYS B 172 -42.64 -23.45 -27.47
CA LYS B 172 -42.49 -24.58 -26.61
C LYS B 172 -42.59 -24.15 -25.15
N VAL B 173 -42.46 -22.83 -24.90
CA VAL B 173 -42.54 -22.30 -23.56
C VAL B 173 -43.94 -21.85 -23.21
N ASN B 174 -44.83 -21.93 -24.15
CA ASN B 174 -46.21 -21.54 -23.92
C ASN B 174 -47.05 -22.79 -24.16
N GLU B 175 -46.38 -23.91 -23.90
CA GLU B 175 -46.93 -25.24 -24.05
C GLU B 175 -47.88 -25.56 -22.89
N GLY B 176 -47.60 -26.69 -22.21
CA GLY B 176 -48.35 -27.19 -21.07
C GLY B 176 -47.43 -27.35 -19.85
N GLY B 177 -46.28 -27.96 -20.06
CA GLY B 177 -45.28 -28.18 -19.01
C GLY B 177 -44.24 -29.26 -19.22
N VAL B 178 -43.57 -29.26 -20.42
CA VAL B 178 -42.52 -30.25 -20.74
C VAL B 178 -41.32 -30.01 -19.82
N ASP B 179 -41.12 -30.95 -18.90
CA ASP B 179 -40.08 -30.85 -17.96
C ASP B 179 -40.42 -29.74 -16.99
N GLY B 180 -40.85 -28.58 -17.53
CA GLY B 180 -41.23 -27.39 -16.79
C GLY B 180 -39.83 -26.81 -16.66
N ASP B 181 -38.89 -27.67 -16.27
CA ASP B 181 -37.53 -27.30 -16.12
C ASP B 181 -37.12 -26.72 -17.46
N LEU B 182 -37.34 -27.51 -18.47
CA LEU B 182 -37.02 -27.12 -19.78
C LEU B 182 -37.58 -25.73 -19.97
N LEU B 183 -38.86 -25.59 -19.73
CA LEU B 183 -39.52 -24.33 -19.89
C LEU B 183 -38.65 -23.16 -19.44
N THR B 184 -37.97 -23.32 -18.32
CA THR B 184 -37.13 -22.27 -17.81
C THR B 184 -35.74 -22.29 -18.40
N ARG B 185 -35.06 -23.43 -18.34
CA ARG B 185 -33.72 -23.54 -18.88
C ARG B 185 -33.70 -23.21 -20.37
N ILE B 186 -34.91 -22.95 -20.91
CA ILE B 186 -35.11 -22.60 -22.31
C ILE B 186 -35.25 -21.09 -22.33
N ALA B 187 -36.27 -20.63 -21.63
CA ALA B 187 -36.54 -19.25 -21.51
C ALA B 187 -35.30 -18.59 -20.91
N TYR B 188 -34.45 -19.43 -20.30
CA TYR B 188 -33.23 -18.98 -19.72
C TYR B 188 -32.38 -18.52 -20.91
N SER B 189 -32.05 -19.45 -21.81
CA SER B 189 -31.26 -19.13 -22.96
C SER B 189 -31.92 -18.08 -23.85
N LEU B 190 -33.22 -17.96 -23.76
CA LEU B 190 -33.91 -17.00 -24.56
C LEU B 190 -33.79 -15.58 -24.01
N ASP B 191 -33.29 -15.42 -22.76
CA ASP B 191 -33.09 -14.05 -22.14
C ASP B 191 -31.69 -13.57 -22.55
N ILE B 192 -30.71 -14.49 -22.42
CA ILE B 192 -29.35 -14.23 -22.79
C ILE B 192 -28.74 -15.54 -23.25
N PRO B 193 -28.49 -15.68 -24.55
CA PRO B 193 -27.91 -16.88 -25.01
C PRO B 193 -26.69 -17.18 -24.17
N LEU B 194 -26.23 -18.41 -24.21
CA LEU B 194 -25.07 -18.82 -23.44
C LEU B 194 -23.81 -17.98 -23.77
N HIS B 195 -23.63 -17.72 -25.04
CA HIS B 195 -22.49 -16.95 -25.53
C HIS B 195 -22.34 -15.57 -24.91
N TRP B 196 -23.44 -14.99 -24.49
CA TRP B 196 -23.39 -13.67 -23.91
C TRP B 196 -23.59 -13.71 -22.41
N ARG B 197 -23.41 -14.91 -21.83
CA ARG B 197 -23.59 -15.14 -20.36
C ARG B 197 -22.25 -15.40 -19.63
N ILE B 198 -21.78 -14.41 -18.80
CA ILE B 198 -20.51 -14.61 -18.06
C ILE B 198 -20.75 -15.81 -17.19
N LYS B 199 -19.83 -16.71 -17.21
CA LYS B 199 -19.98 -17.87 -16.46
C LYS B 199 -19.85 -17.62 -14.96
N ARG B 200 -18.72 -17.14 -14.56
CA ARG B 200 -18.47 -16.93 -13.17
C ARG B 200 -19.65 -16.47 -12.33
N PRO B 201 -20.16 -15.26 -12.56
CA PRO B 201 -21.28 -14.89 -11.72
C PRO B 201 -22.55 -15.67 -12.03
N ASN B 202 -22.42 -16.79 -12.76
CA ASN B 202 -23.60 -17.58 -13.13
C ASN B 202 -23.57 -19.06 -12.75
N ALA B 203 -22.41 -19.59 -12.37
CA ALA B 203 -22.29 -21.02 -12.01
C ALA B 203 -23.39 -21.51 -11.06
N PRO B 204 -23.60 -20.81 -9.93
CA PRO B 204 -24.59 -21.16 -8.96
C PRO B 204 -25.81 -21.84 -9.57
N VAL B 205 -26.72 -21.05 -10.10
CA VAL B 205 -27.93 -21.59 -10.69
C VAL B 205 -27.65 -22.81 -11.57
N TRP B 206 -26.56 -22.78 -12.27
CA TRP B 206 -26.25 -23.89 -13.12
C TRP B 206 -25.90 -25.09 -12.27
N ILE B 207 -25.12 -24.89 -11.20
CA ILE B 207 -24.74 -25.99 -10.33
C ILE B 207 -25.98 -26.57 -9.67
N GLU B 208 -27.01 -25.77 -9.58
CA GLU B 208 -28.25 -26.22 -9.02
C GLU B 208 -28.87 -27.09 -10.09
N TRP B 209 -29.23 -26.46 -11.20
CA TRP B 209 -29.83 -27.13 -12.32
C TRP B 209 -29.16 -28.47 -12.64
N TYR B 210 -27.88 -28.54 -12.42
CA TYR B 210 -27.16 -29.73 -12.69
C TYR B 210 -27.24 -30.75 -11.56
N ARG B 211 -27.49 -30.29 -10.34
CA ARG B 211 -27.62 -31.20 -9.23
C ARG B 211 -28.73 -32.15 -9.60
N LYS B 212 -29.93 -31.58 -9.81
CA LYS B 212 -31.12 -32.33 -10.18
C LYS B 212 -30.88 -33.30 -11.33
N ARG B 213 -30.23 -32.82 -12.40
CA ARG B 213 -29.95 -33.66 -13.56
C ARG B 213 -29.75 -35.12 -13.19
N PRO B 214 -30.85 -35.91 -13.22
CA PRO B 214 -30.75 -37.32 -12.89
C PRO B 214 -29.51 -37.89 -13.55
N ASP B 215 -29.35 -37.57 -14.81
CA ASP B 215 -28.24 -38.02 -15.57
C ASP B 215 -27.02 -37.27 -15.05
N MET B 216 -26.85 -37.27 -13.73
CA MET B 216 -25.76 -36.58 -13.13
C MET B 216 -24.73 -37.50 -12.52
N ASN B 217 -23.59 -36.89 -12.18
CA ASN B 217 -22.47 -37.55 -11.58
C ASN B 217 -22.14 -36.76 -10.31
N PRO B 218 -21.89 -37.45 -9.19
CA PRO B 218 -21.60 -36.73 -7.98
C PRO B 218 -20.17 -36.21 -7.79
N VAL B 219 -19.12 -36.91 -8.27
CA VAL B 219 -17.76 -36.41 -8.07
C VAL B 219 -17.64 -35.05 -8.72
N VAL B 220 -18.24 -34.92 -9.89
CA VAL B 220 -18.22 -33.69 -10.60
C VAL B 220 -19.01 -32.68 -9.79
N LEU B 221 -20.26 -33.00 -9.44
CA LEU B 221 -21.08 -32.08 -8.67
C LEU B 221 -20.48 -31.69 -7.35
N GLU B 222 -19.63 -32.54 -6.79
CA GLU B 222 -19.00 -32.26 -5.53
C GLU B 222 -17.82 -31.32 -5.74
N LEU B 223 -17.02 -31.58 -6.77
CA LEU B 223 -15.90 -30.74 -7.05
C LEU B 223 -16.44 -29.37 -7.45
N ALA B 224 -17.54 -29.41 -8.13
CA ALA B 224 -18.17 -28.24 -8.59
C ALA B 224 -18.41 -27.28 -7.44
N ILE B 225 -19.28 -27.66 -6.50
CA ILE B 225 -19.59 -26.79 -5.34
C ILE B 225 -18.38 -26.45 -4.50
N LEU B 226 -17.48 -27.41 -4.30
CA LEU B 226 -16.32 -27.16 -3.52
C LEU B 226 -15.63 -25.95 -4.15
N ASP B 227 -15.13 -26.12 -5.38
CA ASP B 227 -14.44 -25.04 -6.11
C ASP B 227 -15.12 -23.67 -6.02
N LEU B 228 -16.46 -23.61 -6.26
CA LEU B 228 -17.20 -22.35 -6.18
C LEU B 228 -16.79 -21.63 -4.90
N ASN B 229 -16.91 -22.35 -3.78
CA ASN B 229 -16.56 -21.84 -2.45
C ASN B 229 -15.07 -21.57 -2.29
N ILE B 230 -14.23 -22.44 -2.84
CA ILE B 230 -12.80 -22.26 -2.75
C ILE B 230 -12.44 -21.01 -3.52
N VAL B 231 -13.25 -20.69 -4.53
CA VAL B 231 -13.01 -19.52 -5.35
C VAL B 231 -13.57 -18.26 -4.68
N GLN B 232 -14.78 -18.35 -4.16
CA GLN B 232 -15.43 -17.21 -3.49
C GLN B 232 -14.61 -16.65 -2.32
N ALA B 233 -13.76 -17.48 -1.77
CA ALA B 233 -12.91 -17.07 -0.67
C ALA B 233 -11.88 -16.10 -1.24
N GLN B 234 -11.29 -16.54 -2.34
CA GLN B 234 -10.31 -15.78 -3.05
C GLN B 234 -10.79 -14.35 -3.24
N PHE B 235 -11.91 -14.21 -3.90
CA PHE B 235 -12.49 -12.92 -4.17
C PHE B 235 -12.54 -12.12 -2.89
N GLN B 236 -13.10 -12.71 -1.84
CA GLN B 236 -13.19 -12.05 -0.57
C GLN B 236 -11.81 -11.51 -0.22
N GLU B 237 -10.77 -12.25 -0.48
CA GLU B 237 -9.45 -11.77 -0.18
C GLU B 237 -9.11 -10.58 -1.06
N GLU B 238 -9.13 -10.78 -2.37
CA GLU B 238 -8.83 -9.71 -3.28
C GLU B 238 -9.72 -8.53 -2.95
N LEU B 239 -10.98 -8.80 -2.70
CA LEU B 239 -11.94 -7.78 -2.39
C LEU B 239 -11.39 -6.77 -1.41
N LYS B 240 -10.87 -7.25 -0.29
CA LYS B 240 -10.33 -6.37 0.74
C LYS B 240 -9.17 -5.48 0.30
N GLU B 241 -8.19 -6.08 -0.41
CA GLU B 241 -7.02 -5.34 -0.87
C GLU B 241 -7.46 -4.08 -1.56
N SER B 242 -8.49 -4.19 -2.37
CA SER B 242 -9.01 -3.09 -3.08
C SER B 242 -9.73 -2.17 -2.13
N PHE B 243 -10.37 -2.77 -1.15
CA PHE B 243 -11.12 -2.03 -0.19
C PHE B 243 -10.20 -1.22 0.66
N ARG B 244 -9.09 -1.84 1.08
CA ARG B 244 -8.13 -1.19 1.88
C ARG B 244 -7.69 0.04 1.09
N TRP B 245 -7.27 -0.17 -0.15
CA TRP B 245 -6.85 0.93 -0.99
C TRP B 245 -7.93 2.00 -1.03
N TRP B 246 -9.16 1.59 -1.33
CA TRP B 246 -10.28 2.51 -1.43
C TRP B 246 -10.49 3.35 -0.20
N ARG B 247 -10.39 2.71 0.95
CA ARG B 247 -10.56 3.36 2.21
C ARG B 247 -9.48 4.42 2.39
N ASN B 248 -8.26 3.98 2.18
CA ASN B 248 -7.08 4.82 2.33
C ASN B 248 -7.08 6.10 1.48
N THR B 249 -7.68 6.07 0.26
CA THR B 249 -7.73 7.26 -0.58
C THR B 249 -8.56 8.33 0.10
N GLY B 250 -9.53 7.90 0.87
CA GLY B 250 -10.45 8.78 1.60
C GLY B 250 -11.36 9.59 0.70
N PHE B 251 -11.58 9.14 -0.52
CA PHE B 251 -12.44 9.87 -1.42
C PHE B 251 -13.82 9.98 -0.84
N VAL B 252 -14.19 8.95 -0.17
CA VAL B 252 -15.49 8.86 0.45
C VAL B 252 -15.85 10.11 1.26
N GLU B 253 -14.86 10.64 1.94
CA GLU B 253 -15.04 11.82 2.76
C GLU B 253 -14.61 13.09 2.02
N LYS B 254 -13.58 12.97 1.16
CA LYS B 254 -13.05 14.11 0.42
C LYS B 254 -13.72 14.34 -0.94
N LEU B 255 -14.04 13.26 -1.66
CA LEU B 255 -14.69 13.35 -2.96
C LEU B 255 -16.03 12.63 -2.85
N PRO B 256 -16.91 13.17 -1.99
CA PRO B 256 -18.24 12.71 -1.66
C PRO B 256 -19.31 12.91 -2.73
N PHE B 257 -18.98 13.65 -3.79
CA PHE B 257 -19.95 13.88 -4.89
C PHE B 257 -19.83 12.63 -5.78
N ALA B 258 -18.76 11.85 -5.54
CA ALA B 258 -18.47 10.64 -6.27
C ALA B 258 -19.14 9.40 -5.70
N ARG B 259 -19.55 8.53 -6.60
CA ARG B 259 -20.20 7.31 -6.28
C ARG B 259 -19.38 6.39 -5.38
N ASP B 260 -20.03 5.83 -4.38
CA ASP B 260 -19.38 4.92 -3.48
C ASP B 260 -19.77 3.49 -3.83
N ARG B 261 -18.87 2.76 -4.43
CA ARG B 261 -19.19 1.44 -4.77
C ARG B 261 -17.99 0.62 -5.13
N LEU B 262 -17.03 0.53 -4.24
CA LEU B 262 -15.88 -0.24 -4.53
C LEU B 262 -16.19 -1.76 -4.66
N VAL B 263 -17.17 -2.24 -3.90
CA VAL B 263 -17.53 -3.67 -3.98
C VAL B 263 -17.97 -3.97 -5.39
N GLU B 264 -18.88 -3.18 -5.83
CA GLU B 264 -19.41 -3.28 -7.10
C GLU B 264 -18.27 -3.18 -8.10
N CYS B 265 -17.36 -2.23 -7.86
CA CYS B 265 -16.22 -2.06 -8.74
C CYS B 265 -15.30 -3.25 -8.70
N TYR B 266 -15.23 -3.94 -7.58
CA TYR B 266 -14.40 -5.08 -7.53
C TYR B 266 -15.13 -6.18 -8.26
N PHE B 267 -16.39 -6.41 -7.86
CA PHE B 267 -17.25 -7.46 -8.43
C PHE B 267 -17.18 -7.56 -9.96
N TRP B 268 -17.35 -6.45 -10.67
CA TRP B 268 -17.28 -6.44 -12.14
C TRP B 268 -16.20 -7.41 -12.60
N ASN B 269 -15.05 -7.30 -11.95
CA ASN B 269 -13.89 -8.08 -12.27
C ASN B 269 -13.92 -9.57 -11.94
N THR B 270 -14.89 -10.02 -11.15
CA THR B 270 -14.96 -11.43 -10.84
C THR B 270 -15.32 -12.13 -12.12
N GLY B 271 -16.07 -11.39 -12.94
CA GLY B 271 -16.54 -11.82 -14.26
C GLY B 271 -15.77 -11.35 -15.53
N ILE B 272 -14.70 -10.52 -15.37
CA ILE B 272 -13.90 -10.03 -16.54
C ILE B 272 -12.63 -10.87 -16.57
N ILE B 273 -11.90 -10.89 -15.45
CA ILE B 273 -10.72 -11.70 -15.37
C ILE B 273 -11.21 -12.95 -14.67
N GLU B 274 -11.64 -13.96 -15.44
CA GLU B 274 -12.16 -15.19 -14.87
C GLU B 274 -11.12 -16.23 -14.46
N PRO B 275 -9.93 -16.22 -15.08
CA PRO B 275 -8.90 -17.20 -14.69
C PRO B 275 -8.30 -16.85 -13.31
N ARG B 276 -8.62 -17.68 -12.30
CA ARG B 276 -8.17 -17.47 -10.92
C ARG B 276 -6.72 -17.07 -10.69
N GLN B 277 -5.90 -17.27 -11.66
CA GLN B 277 -4.48 -16.93 -11.53
C GLN B 277 -4.20 -15.42 -11.47
N HIS B 278 -5.04 -14.65 -12.12
CA HIS B 278 -4.88 -13.22 -12.20
C HIS B 278 -5.49 -12.47 -11.05
N ALA B 279 -5.07 -12.80 -9.86
CA ALA B 279 -5.56 -12.16 -8.68
C ALA B 279 -5.21 -10.67 -8.63
N SER B 280 -3.96 -10.36 -8.93
CA SER B 280 -3.51 -8.97 -8.91
C SER B 280 -4.30 -8.12 -9.89
N ALA B 281 -4.56 -8.66 -11.08
CA ALA B 281 -5.29 -7.91 -12.06
C ALA B 281 -6.65 -7.61 -11.51
N ARG B 282 -7.28 -8.60 -10.91
CA ARG B 282 -8.60 -8.43 -10.33
C ARG B 282 -8.51 -7.41 -9.19
N ILE B 283 -7.44 -7.47 -8.44
CA ILE B 283 -7.27 -6.57 -7.37
C ILE B 283 -7.05 -5.18 -7.94
N MET B 284 -6.06 -5.04 -8.81
CA MET B 284 -5.78 -3.76 -9.40
C MET B 284 -7.06 -3.19 -9.96
N MET B 285 -7.74 -3.96 -10.81
CA MET B 285 -8.97 -3.48 -11.42
C MET B 285 -10.01 -3.02 -10.42
N GLY B 286 -10.02 -3.57 -9.26
CA GLY B 286 -10.95 -3.20 -8.21
C GLY B 286 -10.69 -1.68 -8.07
N LYS B 287 -9.42 -1.28 -8.13
CA LYS B 287 -9.05 0.12 -7.99
C LYS B 287 -9.26 0.97 -9.23
N VAL B 288 -8.86 0.45 -10.38
CA VAL B 288 -9.02 1.17 -11.59
C VAL B 288 -10.47 1.56 -11.72
N ASN B 289 -11.37 0.56 -11.77
CA ASN B 289 -12.77 0.83 -11.91
C ASN B 289 -13.25 1.84 -10.88
N ALA B 290 -12.54 1.95 -9.76
CA ALA B 290 -12.92 2.91 -8.74
C ALA B 290 -12.45 4.31 -9.17
N LEU B 291 -11.18 4.43 -9.56
CA LEU B 291 -10.66 5.70 -10.00
C LEU B 291 -11.56 6.32 -11.06
N ILE B 292 -11.97 5.49 -11.98
CA ILE B 292 -12.80 5.94 -13.03
C ILE B 292 -14.12 6.48 -12.51
N THR B 293 -14.81 5.71 -11.76
CA THR B 293 -16.05 6.17 -11.25
C THR B 293 -15.87 7.56 -10.71
N VAL B 294 -14.97 7.70 -9.79
CA VAL B 294 -14.71 8.97 -9.21
C VAL B 294 -14.39 9.96 -10.32
N ILE B 295 -13.28 9.74 -11.04
CA ILE B 295 -12.90 10.65 -12.11
C ILE B 295 -14.02 10.90 -13.12
N ASP B 296 -14.95 9.98 -13.20
CA ASP B 296 -16.05 10.14 -14.12
C ASP B 296 -17.08 11.10 -13.53
N ASP B 297 -17.51 10.86 -12.29
CA ASP B 297 -18.46 11.72 -11.64
C ASP B 297 -17.96 13.15 -11.61
N ILE B 298 -16.65 13.31 -11.56
CA ILE B 298 -16.04 14.63 -11.54
C ILE B 298 -16.37 15.31 -12.85
N TYR B 299 -16.45 14.53 -13.95
CA TYR B 299 -16.74 15.09 -15.27
C TYR B 299 -18.24 15.30 -15.60
N ASP B 300 -19.15 14.31 -15.30
CA ASP B 300 -20.57 14.51 -15.62
C ASP B 300 -21.47 14.93 -14.46
N VAL B 301 -20.90 15.17 -13.30
CA VAL B 301 -21.69 15.56 -12.20
C VAL B 301 -21.19 16.85 -11.57
N TYR B 302 -20.27 16.70 -10.69
CA TYR B 302 -19.69 17.79 -9.95
C TYR B 302 -19.04 18.93 -10.74
N GLY B 303 -17.78 18.75 -11.06
CA GLY B 303 -16.94 19.69 -11.80
C GLY B 303 -17.50 20.64 -12.85
N THR B 304 -16.80 21.76 -13.01
CA THR B 304 -17.17 22.80 -13.97
C THR B 304 -16.32 22.74 -15.23
N LEU B 305 -16.68 23.53 -16.25
CA LEU B 305 -15.92 23.53 -17.49
C LEU B 305 -14.50 24.08 -17.34
N GLU B 306 -14.32 25.04 -16.42
CA GLU B 306 -12.99 25.64 -16.16
C GLU B 306 -12.15 24.60 -15.47
N GLU B 307 -12.75 24.00 -14.45
CA GLU B 307 -12.13 22.99 -13.67
C GLU B 307 -11.87 21.72 -14.47
N LEU B 308 -12.70 21.41 -15.46
CA LEU B 308 -12.50 20.22 -16.24
C LEU B 308 -11.50 20.45 -17.35
N GLU B 309 -11.53 21.64 -17.94
CA GLU B 309 -10.61 21.96 -19.04
C GLU B 309 -9.19 21.98 -18.50
N GLN B 310 -9.07 22.39 -17.24
CA GLN B 310 -7.79 22.46 -16.58
C GLN B 310 -7.36 21.08 -16.09
N PHE B 311 -8.31 20.29 -15.52
CA PHE B 311 -8.02 18.93 -15.02
C PHE B 311 -7.49 18.11 -16.19
N THR B 312 -8.15 18.27 -17.30
CA THR B 312 -7.81 17.59 -18.46
C THR B 312 -6.42 17.94 -19.01
N ASP B 313 -6.09 19.21 -19.01
CA ASP B 313 -4.80 19.63 -19.51
C ASP B 313 -3.63 19.15 -18.66
N LEU B 314 -3.80 19.16 -17.35
CA LEU B 314 -2.77 18.72 -16.44
C LEU B 314 -2.53 17.24 -16.63
N ILE B 315 -3.61 16.47 -16.60
CA ILE B 315 -3.55 15.03 -16.79
C ILE B 315 -2.78 14.74 -18.06
N ARG B 316 -3.13 15.49 -19.09
CA ARG B 316 -2.56 15.36 -20.38
C ARG B 316 -1.05 15.56 -20.32
N ARG B 317 -0.62 16.69 -19.79
CA ARG B 317 0.77 16.96 -19.69
C ARG B 317 1.35 16.20 -18.49
N TRP B 318 0.43 15.64 -17.74
CA TRP B 318 0.71 14.88 -16.56
C TRP B 318 1.81 15.41 -15.67
N ASP B 319 1.62 16.56 -15.06
CA ASP B 319 2.65 17.05 -14.21
C ASP B 319 2.15 17.34 -12.80
N ILE B 320 2.79 16.65 -11.88
CA ILE B 320 2.49 16.73 -10.50
C ILE B 320 3.03 18.01 -9.88
N ASN B 321 3.40 18.96 -10.72
CA ASN B 321 3.92 20.21 -10.23
C ASN B 321 2.86 21.28 -10.33
N SER B 322 2.31 21.41 -11.48
CA SER B 322 1.29 22.33 -11.68
C SER B 322 0.15 21.89 -10.79
N ILE B 323 0.27 20.66 -10.20
CA ILE B 323 -0.76 20.09 -9.33
C ILE B 323 -1.27 21.11 -8.33
N ASP B 324 -0.39 22.04 -7.96
CA ASP B 324 -0.74 23.06 -7.00
C ASP B 324 -1.70 24.09 -7.58
N GLN B 325 -2.03 24.00 -8.84
CA GLN B 325 -2.93 24.97 -9.43
C GLN B 325 -4.34 24.44 -9.57
N LEU B 326 -4.51 23.17 -9.30
CA LEU B 326 -5.80 22.54 -9.41
C LEU B 326 -6.69 22.80 -8.21
N PRO B 327 -8.01 22.66 -8.41
CA PRO B 327 -8.90 22.87 -7.30
C PRO B 327 -8.49 21.80 -6.29
N ASP B 328 -8.87 21.93 -5.07
CA ASP B 328 -8.46 20.99 -4.08
C ASP B 328 -8.86 19.54 -4.35
N TYR B 329 -10.13 19.29 -4.63
CA TYR B 329 -10.57 17.94 -4.85
C TYR B 329 -9.91 17.29 -6.06
N MET B 330 -9.46 18.09 -7.01
CA MET B 330 -8.79 17.55 -8.18
C MET B 330 -7.33 17.25 -7.82
N GLN B 331 -6.80 17.96 -6.88
CA GLN B 331 -5.46 17.74 -6.48
C GLN B 331 -5.38 16.33 -5.91
N LEU B 332 -6.27 16.03 -5.02
CA LEU B 332 -6.28 14.75 -4.41
C LEU B 332 -6.51 13.71 -5.47
N CYS B 333 -7.58 13.84 -6.28
CA CYS B 333 -7.86 12.85 -7.34
C CYS B 333 -6.61 12.58 -8.21
N PHE B 334 -5.94 13.61 -8.70
CA PHE B 334 -4.77 13.41 -9.53
C PHE B 334 -3.67 12.65 -8.82
N LEU B 335 -3.25 13.12 -7.65
CA LEU B 335 -2.20 12.45 -6.94
C LEU B 335 -2.50 10.95 -6.75
N ALA B 336 -3.70 10.60 -6.34
CA ALA B 336 -4.04 9.19 -6.16
C ALA B 336 -3.85 8.45 -7.47
N LEU B 337 -4.35 9.03 -8.55
CA LEU B 337 -4.23 8.46 -9.89
C LEU B 337 -2.75 8.24 -10.14
N ASN B 338 -1.96 9.31 -9.94
CA ASN B 338 -0.54 9.26 -10.14
C ASN B 338 0.03 8.14 -9.29
N ASN B 339 -0.37 8.07 -8.06
CA ASN B 339 0.12 7.06 -7.22
C ASN B 339 -0.36 5.68 -7.69
N PHE B 340 -1.52 5.64 -8.21
CA PHE B 340 -2.03 4.40 -8.68
C PHE B 340 -1.18 3.84 -9.82
N VAL B 341 -1.10 4.56 -10.91
CA VAL B 341 -0.34 4.05 -12.01
C VAL B 341 1.11 3.86 -11.64
N ASP B 342 1.66 4.77 -10.86
CA ASP B 342 3.04 4.67 -10.47
C ASP B 342 3.23 3.38 -9.70
N ASP B 343 2.29 3.05 -8.77
CA ASP B 343 2.43 1.80 -7.99
C ASP B 343 2.17 0.58 -8.84
N THR B 344 1.35 0.70 -9.86
CA THR B 344 1.10 -0.40 -10.68
C THR B 344 2.27 -0.68 -11.61
N SER B 345 2.84 0.35 -12.26
CA SER B 345 3.96 0.11 -13.15
C SER B 345 5.13 -0.53 -12.40
N TYR B 346 5.24 -0.22 -11.10
CA TYR B 346 6.29 -0.78 -10.27
C TYR B 346 6.13 -2.30 -10.27
N ASP B 347 5.01 -2.78 -9.74
CA ASP B 347 4.75 -4.20 -9.69
C ASP B 347 5.02 -4.81 -11.04
N VAL B 348 4.60 -4.16 -12.11
CA VAL B 348 4.86 -4.69 -13.39
C VAL B 348 6.36 -4.70 -13.63
N MET B 349 6.98 -3.52 -13.53
CA MET B 349 8.41 -3.40 -13.72
C MET B 349 9.13 -4.41 -12.85
N LYS B 350 8.64 -4.60 -11.68
CA LYS B 350 9.24 -5.52 -10.78
C LYS B 350 9.14 -6.96 -11.26
N GLU B 351 7.92 -7.48 -11.33
CA GLU B 351 7.72 -8.84 -11.74
C GLU B 351 7.90 -9.14 -13.22
N LYS B 352 7.71 -8.17 -14.08
CA LYS B 352 7.86 -8.42 -15.50
C LYS B 352 9.07 -7.80 -16.13
N GLY B 353 9.66 -6.82 -15.48
CA GLY B 353 10.86 -6.12 -15.95
C GLY B 353 10.79 -4.88 -16.89
N VAL B 354 9.61 -4.25 -16.98
CA VAL B 354 9.42 -3.09 -17.84
C VAL B 354 8.71 -1.86 -17.23
N ASN B 355 9.00 -0.74 -17.84
CA ASN B 355 8.41 0.50 -17.43
C ASN B 355 7.13 0.68 -18.25
N VAL B 356 6.01 0.67 -17.60
CA VAL B 356 4.77 0.82 -18.29
C VAL B 356 4.07 2.12 -17.88
N ILE B 357 4.71 2.91 -17.01
CA ILE B 357 4.11 4.13 -16.56
C ILE B 357 3.72 5.00 -17.74
N PRO B 358 4.59 5.09 -18.76
CA PRO B 358 4.31 5.90 -19.93
C PRO B 358 3.08 5.46 -20.72
N TYR B 359 2.73 4.17 -20.66
CA TYR B 359 1.57 3.64 -21.38
C TYR B 359 0.32 3.79 -20.53
N LEU B 360 0.47 3.48 -19.25
CA LEU B 360 -0.63 3.58 -18.33
C LEU B 360 -1.07 5.04 -18.20
N ARG B 361 -0.12 5.95 -18.13
CA ARG B 361 -0.45 7.36 -18.03
C ARG B 361 -1.41 7.66 -19.16
N GLN B 362 -1.02 7.18 -20.32
CA GLN B 362 -1.78 7.36 -21.54
C GLN B 362 -3.21 6.92 -21.35
N SER B 363 -3.36 5.67 -21.02
CA SER B 363 -4.63 5.13 -20.82
C SER B 363 -5.55 6.16 -20.18
N TRP B 364 -5.06 6.83 -19.15
CA TRP B 364 -5.88 7.80 -18.47
C TRP B 364 -6.05 9.09 -19.24
N VAL B 365 -4.98 9.58 -19.84
CA VAL B 365 -5.05 10.80 -20.60
C VAL B 365 -6.17 10.77 -21.63
N ASP B 366 -6.19 9.74 -22.44
CA ASP B 366 -7.20 9.58 -23.47
C ASP B 366 -8.59 9.51 -22.85
N LEU B 367 -8.71 8.77 -21.76
CA LEU B 367 -9.99 8.63 -21.13
C LEU B 367 -10.51 10.00 -20.79
N ALA B 368 -9.67 10.76 -20.02
CA ALA B 368 -10.00 12.11 -19.62
C ALA B 368 -10.28 13.00 -20.83
N ASP B 369 -9.50 12.88 -21.87
CA ASP B 369 -9.76 13.69 -23.02
C ASP B 369 -11.17 13.34 -23.50
N LYS B 370 -11.44 12.05 -23.64
CA LYS B 370 -12.70 11.61 -24.07
C LYS B 370 -13.79 12.10 -23.16
N TYR B 371 -13.57 12.01 -21.88
CA TYR B 371 -14.54 12.48 -20.91
C TYR B 371 -14.78 13.98 -21.13
N MET B 372 -13.72 14.69 -21.53
CA MET B 372 -13.85 16.10 -21.73
C MET B 372 -14.77 16.48 -22.87
N VAL B 373 -14.52 15.95 -24.05
CA VAL B 373 -15.35 16.29 -25.21
C VAL B 373 -16.83 16.11 -24.89
N GLU B 374 -17.15 15.20 -23.97
CA GLU B 374 -18.50 14.94 -23.57
C GLU B 374 -18.92 16.13 -22.72
N ALA B 375 -18.04 16.55 -21.81
CA ALA B 375 -18.33 17.70 -20.95
C ALA B 375 -18.51 18.93 -21.84
N ARG B 376 -17.64 19.08 -22.84
CA ARG B 376 -17.74 20.21 -23.74
C ARG B 376 -19.10 20.25 -24.43
N TRP B 377 -19.53 19.15 -25.04
CA TRP B 377 -20.83 19.13 -25.71
C TRP B 377 -21.92 19.47 -24.73
N PHE B 378 -21.89 18.81 -23.62
CA PHE B 378 -22.87 19.01 -22.60
C PHE B 378 -23.06 20.47 -22.26
N TYR B 379 -22.04 21.09 -21.68
CA TYR B 379 -22.10 22.49 -21.29
C TYR B 379 -22.34 23.32 -22.54
N GLY B 380 -21.61 22.97 -23.59
CA GLY B 380 -21.70 23.63 -24.89
C GLY B 380 -23.13 23.38 -25.40
N GLY B 381 -23.99 22.82 -24.56
CA GLY B 381 -25.38 22.54 -24.90
C GLY B 381 -25.50 21.98 -26.32
N HIS B 382 -24.48 21.24 -26.74
CA HIS B 382 -24.49 20.66 -28.05
C HIS B 382 -25.07 19.25 -28.01
N LYS B 383 -25.84 18.93 -29.04
CA LYS B 383 -26.45 17.61 -29.15
C LYS B 383 -25.82 16.91 -30.36
N PRO B 384 -24.92 15.95 -30.11
CA PRO B 384 -24.22 15.19 -31.15
C PRO B 384 -25.10 14.25 -31.99
N SER B 385 -24.49 13.70 -33.03
CA SER B 385 -25.16 12.77 -33.92
C SER B 385 -24.83 11.36 -33.46
N LEU B 386 -25.79 10.44 -33.53
CA LEU B 386 -25.57 9.09 -33.08
C LEU B 386 -24.16 8.59 -33.36
N GLU B 387 -23.63 8.83 -34.56
CA GLU B 387 -22.33 8.38 -34.83
C GLU B 387 -21.30 9.21 -34.09
N GLU B 388 -21.35 10.53 -34.25
CA GLU B 388 -20.38 11.43 -33.56
C GLU B 388 -20.18 10.97 -32.13
N TYR B 389 -21.30 10.84 -31.43
CA TYR B 389 -21.33 10.40 -30.08
C TYR B 389 -20.70 9.01 -29.99
N LEU B 390 -21.21 8.09 -30.78
CA LEU B 390 -20.72 6.75 -30.81
C LEU B 390 -19.24 6.63 -31.03
N GLU B 391 -18.66 7.58 -31.68
CA GLU B 391 -17.26 7.50 -31.92
C GLU B 391 -16.49 7.89 -30.66
N ASN B 392 -17.17 8.57 -29.73
CA ASN B 392 -16.54 9.00 -28.49
C ASN B 392 -16.86 8.02 -27.37
N SER B 393 -18.13 7.71 -27.30
CA SER B 393 -18.66 6.81 -26.33
C SER B 393 -17.84 5.58 -26.03
N TRP B 394 -17.44 4.81 -27.02
CA TRP B 394 -16.69 3.62 -26.74
C TRP B 394 -15.36 3.83 -26.08
N GLN B 395 -14.92 5.06 -26.02
CA GLN B 395 -13.68 5.38 -25.41
C GLN B 395 -13.97 6.04 -24.08
N SER B 396 -14.94 6.95 -24.11
CA SER B 396 -15.33 7.66 -22.94
C SER B 396 -16.02 6.80 -21.91
N ILE B 397 -16.16 5.51 -22.17
CA ILE B 397 -16.82 4.61 -21.20
C ILE B 397 -15.73 3.95 -20.37
N SER B 398 -14.46 4.04 -20.87
CA SER B 398 -13.26 3.52 -20.18
C SER B 398 -12.85 2.13 -20.56
N GLY B 399 -13.61 1.52 -21.41
CA GLY B 399 -13.37 0.16 -21.88
C GLY B 399 -11.91 0.02 -22.16
N PRO B 400 -11.41 0.88 -23.06
CA PRO B 400 -9.99 0.84 -23.41
C PRO B 400 -9.05 1.01 -22.21
N CYS B 401 -9.42 1.86 -21.24
CA CYS B 401 -8.59 2.05 -20.04
C CYS B 401 -8.59 0.74 -19.25
N MET B 402 -9.78 0.25 -18.96
CA MET B 402 -9.92 -0.95 -18.24
C MET B 402 -8.99 -1.99 -18.83
N LEU B 403 -9.13 -2.21 -20.09
CA LEU B 403 -8.35 -3.21 -20.80
C LEU B 403 -6.84 -3.01 -20.99
N THR B 404 -6.40 -1.86 -21.48
CA THR B 404 -4.98 -1.64 -21.64
C THR B 404 -4.31 -1.94 -20.30
N HIS B 405 -5.03 -1.68 -19.21
CA HIS B 405 -4.51 -1.91 -17.87
C HIS B 405 -4.40 -3.40 -17.60
N ILE B 406 -5.44 -4.10 -18.00
CA ILE B 406 -5.50 -5.52 -17.82
C ILE B 406 -4.37 -6.18 -18.60
N PHE B 407 -4.37 -5.96 -19.88
CA PHE B 407 -3.38 -6.52 -20.73
C PHE B 407 -2.03 -6.79 -20.07
N PHE B 408 -1.50 -5.81 -19.38
CA PHE B 408 -0.19 -5.96 -18.74
C PHE B 408 -0.14 -6.94 -17.59
N ARG B 409 -1.20 -7.03 -16.84
CA ARG B 409 -1.23 -7.93 -15.71
C ARG B 409 -1.62 -9.35 -16.10
N VAL B 410 -2.05 -9.52 -17.34
CA VAL B 410 -2.51 -10.80 -17.85
C VAL B 410 -1.55 -11.41 -18.89
N THR B 411 -0.87 -10.55 -19.56
CA THR B 411 0.03 -10.95 -20.54
C THR B 411 1.39 -11.16 -19.91
N ASP B 412 1.90 -12.39 -20.05
CA ASP B 412 3.20 -12.82 -19.50
C ASP B 412 4.42 -12.06 -20.03
N SER B 413 4.36 -11.72 -21.26
CA SER B 413 5.43 -11.01 -21.88
C SER B 413 4.87 -10.47 -23.18
N PHE B 414 5.22 -9.31 -23.51
CA PHE B 414 4.72 -8.75 -24.67
C PHE B 414 5.86 -8.12 -25.42
N THR B 415 5.56 -7.10 -26.18
CA THR B 415 6.54 -6.39 -26.98
C THR B 415 5.99 -5.01 -27.36
N LYS B 416 6.88 -4.08 -27.66
CA LYS B 416 6.46 -2.75 -28.05
C LYS B 416 5.42 -2.82 -29.14
N GLU B 417 5.66 -3.69 -30.11
CA GLU B 417 4.77 -3.87 -31.20
C GLU B 417 3.35 -4.18 -30.69
N THR B 418 3.20 -5.27 -29.96
CA THR B 418 1.90 -5.62 -29.42
C THR B 418 1.29 -4.45 -28.69
N VAL B 419 2.07 -3.89 -27.76
CA VAL B 419 1.64 -2.79 -26.95
C VAL B 419 1.14 -1.67 -27.82
N ASP B 420 1.90 -1.36 -28.78
CA ASP B 420 1.52 -0.33 -29.64
C ASP B 420 0.22 -0.65 -30.39
N SER B 421 0.12 -1.86 -30.91
CA SER B 421 -1.08 -2.24 -31.62
C SER B 421 -2.23 -2.09 -30.66
N LEU B 422 -2.04 -2.68 -29.53
CA LEU B 422 -2.98 -2.65 -28.52
C LEU B 422 -3.45 -1.23 -28.27
N TYR B 423 -2.49 -0.27 -28.17
CA TYR B 423 -2.82 1.13 -27.86
C TYR B 423 -3.40 2.00 -28.92
N LYS B 424 -3.32 1.60 -30.17
CA LYS B 424 -3.96 2.38 -31.19
C LYS B 424 -5.41 2.15 -30.81
N TYR B 425 -5.53 1.11 -30.00
CA TYR B 425 -6.73 0.59 -29.48
C TYR B 425 -7.17 -0.30 -30.61
N HIS B 426 -6.70 -1.50 -30.44
CA HIS B 426 -6.91 -2.57 -31.27
C HIS B 426 -8.41 -2.89 -31.37
N ASP B 427 -8.85 -3.37 -32.53
CA ASP B 427 -10.26 -3.70 -32.74
C ASP B 427 -10.88 -4.39 -31.54
N LEU B 428 -10.23 -5.46 -31.07
CA LEU B 428 -10.71 -6.22 -29.92
C LEU B 428 -11.12 -5.29 -28.79
N VAL B 429 -10.32 -4.28 -28.57
CA VAL B 429 -10.58 -3.34 -27.55
C VAL B 429 -11.76 -2.48 -27.95
N ARG B 430 -11.84 -2.14 -29.21
CA ARG B 430 -12.96 -1.30 -29.69
C ARG B 430 -14.30 -2.00 -29.61
N TRP B 431 -14.33 -3.30 -29.95
CA TRP B 431 -15.59 -4.07 -29.94
C TRP B 431 -16.07 -4.23 -28.51
N SER B 432 -15.19 -4.79 -27.67
CA SER B 432 -15.47 -5.02 -26.26
C SER B 432 -16.04 -3.76 -25.58
N SER B 433 -15.45 -2.59 -25.82
CA SER B 433 -15.95 -1.35 -25.20
C SER B 433 -17.34 -0.97 -25.71
N PHE B 434 -17.54 -1.13 -26.95
CA PHE B 434 -18.81 -0.80 -27.53
C PHE B 434 -19.89 -1.60 -26.81
N VAL B 435 -19.68 -2.91 -26.68
CA VAL B 435 -20.66 -3.72 -25.99
C VAL B 435 -20.86 -3.12 -24.60
N LEU B 436 -19.78 -2.94 -23.91
CA LEU B 436 -19.85 -2.37 -22.62
C LEU B 436 -20.68 -1.10 -22.69
N ARG B 437 -20.28 -0.21 -23.58
CA ARG B 437 -20.94 1.05 -23.77
C ARG B 437 -22.43 0.96 -24.04
N LEU B 438 -22.80 0.38 -25.18
CA LEU B 438 -24.21 0.26 -25.56
C LEU B 438 -25.04 -0.43 -24.50
N ALA B 439 -24.46 -1.42 -23.87
CA ALA B 439 -25.12 -2.14 -22.85
C ALA B 439 -25.40 -1.22 -21.67
N ASP B 440 -24.43 -0.37 -21.36
CA ASP B 440 -24.57 0.59 -20.27
C ASP B 440 -25.63 1.63 -20.65
N ASP B 441 -25.52 2.18 -21.86
CA ASP B 441 -26.45 3.18 -22.32
C ASP B 441 -27.89 2.71 -22.37
N LEU B 442 -28.12 1.42 -22.32
CA LEU B 442 -29.46 0.92 -22.35
C LEU B 442 -30.06 1.07 -20.96
N GLY B 443 -29.40 0.51 -19.94
CA GLY B 443 -29.82 0.57 -18.55
C GLY B 443 -29.26 1.80 -17.78
N THR B 444 -28.98 2.93 -18.53
CA THR B 444 -28.44 4.19 -17.94
C THR B 444 -28.64 5.35 -18.93
N SER B 445 -29.69 5.27 -19.69
CA SER B 445 -29.96 6.28 -20.64
C SER B 445 -30.90 7.33 -20.08
N VAL B 446 -32.22 7.01 -20.14
CA VAL B 446 -33.31 7.91 -19.67
C VAL B 446 -33.34 8.19 -18.16
N GLU B 447 -32.19 8.03 -17.49
CA GLU B 447 -32.10 8.25 -16.03
C GLU B 447 -30.87 9.09 -15.66
N GLU B 448 -29.83 9.09 -16.53
CA GLU B 448 -28.61 9.85 -16.30
C GLU B 448 -28.71 11.19 -17.00
N VAL B 449 -29.20 11.16 -18.22
CA VAL B 449 -29.36 12.36 -19.01
C VAL B 449 -30.42 13.25 -18.38
N SER B 450 -31.40 12.62 -17.75
CA SER B 450 -32.49 13.33 -17.12
C SER B 450 -32.08 13.78 -15.72
N ARG B 451 -30.85 14.28 -15.62
CA ARG B 451 -30.29 14.77 -14.38
C ARG B 451 -28.96 15.46 -14.66
N GLY B 452 -28.66 15.62 -15.94
CA GLY B 452 -27.44 16.25 -16.42
C GLY B 452 -26.41 15.30 -16.97
N ASP B 453 -26.38 15.19 -18.29
CA ASP B 453 -25.43 14.34 -18.99
C ASP B 453 -25.69 14.45 -20.49
N VAL B 454 -24.67 14.17 -21.29
CA VAL B 454 -24.78 14.23 -22.74
C VAL B 454 -25.82 13.24 -23.24
N PRO B 455 -26.41 13.50 -24.41
CA PRO B 455 -27.38 12.51 -24.86
C PRO B 455 -26.65 11.20 -25.14
N LYS B 456 -27.19 10.06 -24.67
CA LYS B 456 -26.56 8.76 -24.88
C LYS B 456 -27.09 8.08 -26.14
N SER B 457 -26.54 6.92 -26.49
CA SER B 457 -26.95 6.20 -27.71
C SER B 457 -28.44 6.30 -28.00
N LEU B 458 -29.23 5.89 -27.06
CA LEU B 458 -30.64 5.91 -27.22
C LEU B 458 -31.13 7.25 -27.72
N GLN B 459 -31.09 8.20 -26.83
CA GLN B 459 -31.51 9.57 -27.07
C GLN B 459 -30.96 10.20 -28.35
N CYS B 460 -29.79 9.81 -28.74
CA CYS B 460 -29.25 10.35 -29.91
C CYS B 460 -30.00 9.82 -31.12
N TYR B 461 -30.31 8.52 -31.13
CA TYR B 461 -31.06 7.89 -32.24
C TYR B 461 -32.43 8.56 -32.29
N MET B 462 -33.01 8.60 -31.13
CA MET B 462 -34.27 9.17 -30.91
C MET B 462 -34.45 10.47 -31.68
N SER B 463 -33.50 11.34 -31.58
CA SER B 463 -33.61 12.60 -32.29
C SER B 463 -33.21 12.42 -33.75
N ASP B 464 -32.02 11.84 -33.96
CA ASP B 464 -31.50 11.62 -35.28
C ASP B 464 -32.60 11.29 -36.27
N TYR B 465 -33.37 10.28 -35.99
CA TYR B 465 -34.41 9.91 -36.87
C TYR B 465 -35.75 10.23 -36.25
N ASN B 466 -35.70 10.99 -35.20
CA ASN B 466 -36.86 11.38 -34.49
C ASN B 466 -37.78 10.19 -34.27
N ALA B 467 -37.22 9.09 -33.75
CA ALA B 467 -37.97 7.87 -33.48
C ALA B 467 -38.32 7.77 -32.01
N SER B 468 -38.95 6.69 -31.64
CA SER B 468 -39.33 6.47 -30.31
C SER B 468 -38.23 5.73 -29.59
N GLU B 469 -38.39 5.55 -28.27
CA GLU B 469 -37.41 4.85 -27.48
C GLU B 469 -37.29 3.38 -27.88
N ALA B 470 -38.43 2.76 -28.24
CA ALA B 470 -38.42 1.35 -28.63
C ALA B 470 -37.59 1.13 -29.88
N GLU B 471 -37.64 2.10 -30.78
CA GLU B 471 -36.91 2.07 -32.03
C GLU B 471 -35.43 2.19 -31.73
N ALA B 472 -35.13 3.05 -30.72
CA ALA B 472 -33.78 3.28 -30.25
C ALA B 472 -33.32 2.03 -29.53
N ARG B 473 -34.18 1.57 -28.63
CA ARG B 473 -33.96 0.39 -27.86
C ARG B 473 -33.65 -0.76 -28.80
N LYS B 474 -34.50 -0.86 -29.82
CA LYS B 474 -34.43 -1.90 -30.84
C LYS B 474 -33.15 -1.79 -31.64
N HIS B 475 -32.80 -0.58 -31.96
CA HIS B 475 -31.61 -0.32 -32.70
C HIS B 475 -30.41 -0.72 -31.86
N VAL B 476 -30.16 0.07 -30.85
CA VAL B 476 -29.06 -0.17 -29.98
C VAL B 476 -28.86 -1.67 -29.78
N LYS B 477 -29.94 -2.41 -29.55
CA LYS B 477 -29.81 -3.84 -29.35
C LYS B 477 -29.22 -4.46 -30.62
N TRP B 478 -29.81 -4.13 -31.75
CA TRP B 478 -29.34 -4.65 -33.00
C TRP B 478 -27.87 -4.31 -33.10
N LEU B 479 -27.56 -3.13 -32.77
CA LEU B 479 -26.22 -2.68 -32.81
C LEU B 479 -25.31 -3.55 -31.95
N ILE B 480 -25.75 -3.88 -30.74
CA ILE B 480 -24.96 -4.69 -29.86
C ILE B 480 -24.71 -6.04 -30.51
N ALA B 481 -25.71 -6.51 -31.24
CA ALA B 481 -25.63 -7.80 -31.92
C ALA B 481 -24.56 -7.82 -32.98
N GLU B 482 -24.43 -6.68 -33.69
CA GLU B 482 -23.45 -6.51 -34.77
C GLU B 482 -22.01 -6.47 -34.27
N VAL B 483 -21.79 -5.66 -33.29
CA VAL B 483 -20.51 -5.54 -32.72
C VAL B 483 -20.00 -6.92 -32.33
N TRP B 484 -20.82 -7.66 -31.52
CA TRP B 484 -20.48 -9.03 -31.03
C TRP B 484 -19.95 -9.90 -32.15
N LYS B 485 -20.58 -9.77 -33.29
CA LYS B 485 -20.18 -10.52 -34.43
C LYS B 485 -18.75 -10.18 -34.81
N LYS B 486 -18.36 -8.88 -34.79
CA LYS B 486 -16.99 -8.51 -35.14
C LYS B 486 -16.08 -9.06 -34.06
N MET B 487 -16.59 -8.98 -32.87
CA MET B 487 -15.89 -9.45 -31.74
C MET B 487 -15.60 -10.93 -31.91
N ASN B 488 -16.60 -11.63 -32.32
CA ASN B 488 -16.51 -13.04 -32.51
C ASN B 488 -15.41 -13.45 -33.46
N ALA B 489 -15.16 -12.61 -34.42
CA ALA B 489 -14.12 -12.91 -35.41
C ALA B 489 -12.73 -12.52 -34.94
N GLU B 490 -12.70 -11.52 -34.05
CA GLU B 490 -11.50 -10.98 -33.51
C GLU B 490 -10.90 -11.84 -32.40
N ARG B 491 -11.76 -12.42 -31.57
CA ARG B 491 -11.32 -13.25 -30.48
C ARG B 491 -10.74 -14.55 -31.01
N VAL B 492 -11.37 -15.06 -32.08
CA VAL B 492 -10.98 -16.31 -32.73
C VAL B 492 -9.84 -16.09 -33.74
N SER B 493 -9.65 -14.85 -34.14
CA SER B 493 -8.61 -14.55 -35.09
C SER B 493 -7.30 -15.17 -34.75
N LYS B 494 -6.69 -15.62 -35.78
CA LYS B 494 -5.45 -16.26 -35.72
C LYS B 494 -4.37 -15.27 -36.13
N ASP B 495 -4.71 -13.98 -36.12
CA ASP B 495 -3.78 -12.93 -36.47
C ASP B 495 -3.59 -12.01 -35.27
N SER B 496 -4.49 -12.18 -34.27
CA SER B 496 -4.48 -11.40 -33.05
C SER B 496 -3.12 -11.46 -32.41
N PRO B 497 -2.60 -10.30 -31.98
CA PRO B 497 -1.31 -10.34 -31.35
C PRO B 497 -1.56 -10.81 -29.93
N PHE B 498 -2.80 -10.56 -29.48
CA PHE B 498 -3.26 -10.88 -28.15
C PHE B 498 -3.28 -12.34 -27.77
N GLY B 499 -2.96 -12.58 -26.52
CA GLY B 499 -2.89 -13.91 -25.94
C GLY B 499 -4.06 -14.33 -25.10
N LYS B 500 -4.60 -15.46 -25.51
CA LYS B 500 -5.72 -16.14 -24.89
C LYS B 500 -6.46 -15.52 -23.68
N ASP B 501 -5.74 -15.30 -22.56
CA ASP B 501 -6.35 -14.72 -21.36
C ASP B 501 -6.82 -13.30 -21.57
N PHE B 502 -6.00 -12.48 -22.20
CA PHE B 502 -6.40 -11.16 -22.43
C PHE B 502 -7.63 -11.16 -23.30
N ILE B 503 -7.55 -11.84 -24.46
CA ILE B 503 -8.70 -11.93 -25.43
C ILE B 503 -9.98 -12.33 -24.71
N GLY B 504 -9.84 -13.06 -23.62
CA GLY B 504 -10.95 -13.55 -22.81
C GLY B 504 -11.55 -12.41 -22.07
N CYS B 505 -10.74 -11.73 -21.25
CA CYS B 505 -11.22 -10.59 -20.47
C CYS B 505 -11.95 -9.60 -21.34
N ALA B 506 -11.40 -9.36 -22.52
CA ALA B 506 -12.02 -8.45 -23.45
C ALA B 506 -13.43 -8.93 -23.76
N VAL B 507 -13.56 -10.23 -24.11
CA VAL B 507 -14.85 -10.82 -24.41
C VAL B 507 -15.75 -10.79 -23.18
N ASP B 508 -15.17 -11.12 -22.05
CA ASP B 508 -15.90 -11.18 -20.84
C ASP B 508 -16.34 -9.84 -20.30
N LEU B 509 -15.59 -8.80 -20.63
CA LEU B 509 -15.94 -7.50 -20.17
C LEU B 509 -17.25 -7.13 -20.85
N GLY B 510 -17.45 -7.67 -22.01
CA GLY B 510 -18.64 -7.43 -22.82
C GLY B 510 -19.78 -8.17 -22.23
N ARG B 511 -19.54 -9.42 -21.91
CA ARG B 511 -20.56 -10.23 -21.34
C ARG B 511 -20.94 -9.77 -19.92
N MET B 512 -19.94 -9.33 -19.13
CA MET B 512 -20.21 -8.88 -17.78
C MET B 512 -21.11 -7.65 -17.77
N ALA B 513 -20.94 -6.81 -18.80
CA ALA B 513 -21.72 -5.60 -18.93
C ALA B 513 -23.16 -5.91 -19.29
N GLN B 514 -23.36 -7.00 -20.03
CA GLN B 514 -24.71 -7.40 -20.43
C GLN B 514 -25.47 -7.99 -19.24
N LEU B 515 -24.75 -8.20 -18.12
CA LEU B 515 -25.36 -8.73 -16.92
C LEU B 515 -25.73 -7.57 -16.02
N MET B 516 -24.73 -6.86 -15.55
CA MET B 516 -24.97 -5.74 -14.71
C MET B 516 -26.05 -4.84 -15.29
N TYR B 517 -25.87 -4.41 -16.56
CA TYR B 517 -26.82 -3.50 -17.25
C TYR B 517 -28.02 -4.21 -17.87
N HIS B 518 -28.46 -5.28 -17.27
CA HIS B 518 -29.59 -5.99 -17.79
C HIS B 518 -30.88 -5.51 -17.11
N ASN B 519 -30.92 -5.53 -15.78
CA ASN B 519 -32.13 -5.14 -15.04
C ASN B 519 -32.33 -3.62 -14.88
N GLY B 520 -31.28 -2.92 -14.49
CA GLY B 520 -31.28 -1.47 -14.30
C GLY B 520 -29.81 -1.22 -14.24
N ASP B 521 -29.37 -0.12 -13.59
CA ASP B 521 -27.93 0.17 -13.47
C ASP B 521 -27.24 -0.84 -12.54
N GLY B 522 -26.47 -1.75 -13.16
CA GLY B 522 -25.72 -2.79 -12.46
C GLY B 522 -24.66 -1.90 -11.86
N HIS B 523 -23.40 -2.13 -12.22
CA HIS B 523 -22.27 -1.35 -11.70
C HIS B 523 -22.45 -0.95 -10.23
N GLY B 524 -23.22 0.14 -9.99
CA GLY B 524 -23.53 0.69 -8.67
C GLY B 524 -24.70 1.72 -8.77
N THR B 525 -24.59 2.85 -8.05
CA THR B 525 -25.62 3.89 -8.07
C THR B 525 -26.96 3.43 -7.51
N GLN B 526 -27.38 2.23 -7.92
CA GLN B 526 -28.62 1.61 -7.47
C GLN B 526 -28.96 0.41 -8.33
N HIS B 527 -28.42 -0.71 -7.90
CA HIS B 527 -28.55 -2.00 -8.55
C HIS B 527 -29.76 -2.80 -8.03
N PRO B 528 -30.65 -3.27 -8.94
CA PRO B 528 -31.84 -4.04 -8.51
C PRO B 528 -31.47 -5.42 -7.94
N ILE B 529 -31.61 -6.45 -8.78
CA ILE B 529 -31.28 -7.81 -8.39
C ILE B 529 -29.77 -7.88 -8.43
N ILE B 530 -29.21 -7.00 -9.23
CA ILE B 530 -27.81 -6.92 -9.38
C ILE B 530 -27.19 -7.18 -8.02
N HIS B 531 -27.83 -6.67 -6.99
CA HIS B 531 -27.32 -6.87 -5.68
C HIS B 531 -27.25 -8.34 -5.30
N GLN B 532 -28.36 -9.07 -5.42
CA GLN B 532 -28.37 -10.49 -5.05
C GLN B 532 -27.20 -11.23 -5.69
N GLN B 533 -27.07 -11.12 -7.02
CA GLN B 533 -26.01 -11.79 -7.74
C GLN B 533 -24.66 -11.45 -7.15
N MET B 534 -24.56 -10.29 -6.51
CA MET B 534 -23.33 -9.86 -5.90
C MET B 534 -23.14 -10.58 -4.55
N THR B 535 -24.14 -10.46 -3.63
CA THR B 535 -24.06 -11.12 -2.31
C THR B 535 -23.86 -12.62 -2.49
N ARG B 536 -24.49 -13.15 -3.50
CA ARG B 536 -24.42 -14.55 -3.83
C ARG B 536 -23.09 -15.00 -4.40
N THR B 537 -22.46 -14.15 -5.23
CA THR B 537 -21.17 -14.47 -5.86
C THR B 537 -20.03 -14.23 -4.90
N LEU B 538 -20.15 -13.17 -4.09
CA LEU B 538 -19.10 -12.78 -3.14
C LEU B 538 -19.30 -13.14 -1.66
N PHE B 539 -20.53 -13.31 -1.19
CA PHE B 539 -20.73 -13.60 0.23
C PHE B 539 -21.38 -14.91 0.67
N GLU B 540 -22.57 -15.29 0.12
CA GLU B 540 -23.24 -16.57 0.51
C GLU B 540 -22.50 -17.78 -0.09
N PRO B 541 -22.39 -18.88 0.65
CA PRO B 541 -21.72 -20.10 0.20
C PRO B 541 -22.68 -21.08 -0.45
N PHE B 542 -22.15 -21.95 -1.25
CA PHE B 542 -22.97 -22.90 -1.91
C PHE B 542 -22.99 -24.22 -1.14
N ALA B 543 -24.15 -24.96 -1.29
CA ALA B 543 -24.40 -26.28 -0.64
C ALA B 543 -23.28 -27.31 -0.85
#